data_3ALT
#
_entry.id   3ALT
#
_cell.length_a   43.988
_cell.length_b   78.504
_cell.length_c   102.898
_cell.angle_alpha   90.00
_cell.angle_beta   98.41
_cell.angle_gamma   90.00
#
_symmetry.space_group_name_H-M   'P 1 21 1'
#
loop_
_entity.id
_entity.type
_entity.pdbx_description
1 polymer 'Lectin CEL-IV, C-type'
2 branched alpha-D-galactopyranose-(1-6)-alpha-D-glucopyranose
3 non-polymer 'CALCIUM ION'
4 water water
#
_entity_poly.entity_id   1
_entity_poly.type   'polypeptide(L)'
_entity_poly.pdbx_seq_one_letter_code
;CLTSCPPLWTGFNGKCFRLFHNHLNFDNAENACRQFGLASCSGDELATGHLASIHSAESQAFLTELVKTSLPDLITGGWA
PQVYIGMKVGSTNSDQTWTDGSSVDYDGWVSGEPNNGPNSRGAIAAGDYSRGFWADVYSNNNFKYICQLPCVHYTLE
;
_entity_poly.pdbx_strand_id   A,B,C,D
#
loop_
_chem_comp.id
_chem_comp.type
_chem_comp.name
_chem_comp.formula
CA non-polymer 'CALCIUM ION' 'Ca 2'
GLA D-saccharide, alpha linking alpha-D-galactopyranose 'C6 H12 O6'
GLC D-saccharide, alpha linking alpha-D-glucopyranose 'C6 H12 O6'
#
# COMPACT_ATOMS: atom_id res chain seq x y z
N LEU A 2 0.41 6.75 -2.59
CA LEU A 2 0.40 6.51 -1.11
C LEU A 2 1.64 5.74 -0.60
N THR A 3 2.01 6.01 0.65
CA THR A 3 3.02 5.21 1.33
C THR A 3 2.32 4.27 2.36
N SER A 4 2.75 3.01 2.43
CA SER A 4 2.18 2.11 3.44
C SER A 4 3.08 1.92 4.66
N CYS A 5 2.54 2.22 5.83
CA CYS A 5 3.29 2.22 7.07
C CYS A 5 2.52 1.43 8.10
N PRO A 6 3.22 0.90 9.10
CA PRO A 6 2.54 0.18 10.18
C PRO A 6 1.65 1.11 11.03
N PRO A 7 0.74 0.53 11.84
CA PRO A 7 -0.05 1.37 12.72
C PRO A 7 0.81 2.33 13.58
N LEU A 8 0.29 3.52 13.83
CA LEU A 8 0.94 4.61 14.59
C LEU A 8 2.01 5.37 13.83
N TRP A 9 2.40 4.86 12.67
CA TRP A 9 3.45 5.48 11.88
C TRP A 9 2.82 6.22 10.71
N THR A 10 3.51 7.21 10.17
CA THR A 10 2.91 7.99 9.10
C THR A 10 3.87 8.17 7.95
N GLY A 11 3.38 7.97 6.74
CA GLY A 11 4.26 7.89 5.60
C GLY A 11 4.31 9.12 4.77
N PHE A 12 5.48 9.43 4.22
CA PHE A 12 5.62 10.51 3.26
C PHE A 12 6.70 10.14 2.26
N ASN A 13 6.33 10.05 0.99
CA ASN A 13 7.31 9.87 -0.06
C ASN A 13 8.08 8.59 0.03
N GLY A 14 7.40 7.50 0.40
CA GLY A 14 8.09 6.21 0.55
C GLY A 14 8.87 5.96 1.85
N LYS A 15 8.78 6.87 2.81
CA LYS A 15 9.36 6.68 4.14
C LYS A 15 8.27 6.73 5.20
N CYS A 16 8.49 6.00 6.31
CA CYS A 16 7.58 5.94 7.45
C CYS A 16 8.19 6.57 8.70
N PHE A 17 7.49 7.54 9.30
CA PHE A 17 8.01 8.26 10.46
C PHE A 17 7.14 8.15 11.71
N ARG A 18 7.73 8.47 12.86
CA ARG A 18 6.97 8.57 14.09
C ARG A 18 7.67 9.48 15.06
N LEU A 19 6.85 10.26 15.77
CA LEU A 19 7.31 11.16 16.82
C LEU A 19 7.07 10.53 18.19
N PHE A 20 8.16 10.45 18.98
CA PHE A 20 8.08 9.88 20.31
C PHE A 20 8.20 10.98 21.34
N HIS A 21 7.35 10.91 22.36
CA HIS A 21 7.12 12.01 23.29
C HIS A 21 7.97 12.01 24.57
N ASN A 22 8.61 10.88 24.89
CA ASN A 22 9.59 10.85 25.99
C ASN A 22 10.94 11.45 25.59
N HIS A 23 11.59 12.12 26.53
CA HIS A 23 12.81 12.89 26.32
C HIS A 23 14.04 12.00 26.52
N LEU A 24 14.88 11.94 25.50
CA LEU A 24 16.10 11.16 25.54
C LEU A 24 17.23 12.03 25.00
N ASN A 25 18.46 11.78 25.45
CA ASN A 25 19.59 12.43 24.80
C ASN A 25 19.80 11.81 23.44
N PHE A 26 20.73 12.39 22.66
CA PHE A 26 20.91 11.99 21.27
C PHE A 26 21.23 10.54 21.05
N ASP A 27 22.24 10.00 21.75
CA ASP A 27 22.60 8.58 21.68
C ASP A 27 21.49 7.63 22.13
N ASN A 28 20.75 7.99 23.18
CA ASN A 28 19.66 7.12 23.63
C ASN A 28 18.50 7.15 22.66
N ALA A 29 18.36 8.26 21.95
CA ALA A 29 17.25 8.45 21.04
C ALA A 29 17.48 7.58 19.83
N GLU A 30 18.68 7.72 19.26
CA GLU A 30 19.14 6.89 18.13
C GLU A 30 19.03 5.38 18.46
N ASN A 31 19.34 5.05 19.68
CA ASN A 31 19.21 3.70 20.16
C ASN A 31 17.77 3.24 20.12
N ALA A 32 16.88 4.04 20.68
CA ALA A 32 15.45 3.74 20.64
C ALA A 32 14.94 3.47 19.20
N CYS A 33 15.35 4.30 18.22
CA CYS A 33 15.00 4.10 16.80
C CYS A 33 15.59 2.83 16.15
N ARG A 34 16.73 2.37 16.67
CA ARG A 34 17.34 1.13 16.21
C ARG A 34 16.61 -0.12 16.75
N GLN A 35 15.62 0.05 17.63
CA GLN A 35 14.80 -1.09 18.06
C GLN A 35 13.80 -1.46 16.99
N PHE A 36 13.65 -0.60 15.98
CA PHE A 36 12.72 -0.89 14.90
C PHE A 36 13.51 -1.35 13.69
N GLY A 37 13.06 -2.42 13.04
CA GLY A 37 13.86 -2.96 11.95
C GLY A 37 13.14 -3.42 10.71
N LEU A 38 13.90 -4.06 9.83
CA LEU A 38 13.43 -4.69 8.62
C LEU A 38 13.99 -6.11 8.60
N ALA A 39 13.13 -7.07 8.20
CA ALA A 39 13.55 -8.47 8.22
C ALA A 39 13.04 -9.25 7.03
N SER A 40 13.83 -10.19 6.53
CA SER A 40 13.29 -11.18 5.59
C SER A 40 12.16 -11.98 6.28
N CYS A 41 11.24 -12.52 5.50
CA CYS A 41 10.18 -13.33 6.08
C CYS A 41 10.71 -14.66 6.65
N SER A 42 11.90 -15.04 6.18
CA SER A 42 12.62 -16.23 6.62
C SER A 42 13.46 -16.01 7.89
N GLY A 43 13.44 -14.78 8.42
CA GLY A 43 14.06 -14.48 9.74
C GLY A 43 15.30 -13.60 9.84
N ASP A 44 16.07 -13.40 8.77
CA ASP A 44 17.29 -12.62 8.86
C ASP A 44 16.96 -11.14 9.02
N GLU A 45 17.54 -10.47 10.01
CA GLU A 45 17.41 -9.00 10.16
C GLU A 45 18.26 -8.23 9.10
N LEU A 46 17.60 -7.44 8.25
CA LEU A 46 18.31 -6.79 7.14
C LEU A 46 18.77 -5.35 7.35
N ALA A 47 18.02 -4.57 8.14
CA ALA A 47 18.40 -3.20 8.43
C ALA A 47 17.82 -2.74 9.78
N THR A 48 18.20 -1.53 10.21
CA THR A 48 17.73 -0.94 11.46
C THR A 48 17.14 0.44 11.19
N GLY A 49 16.18 0.85 12.02
CA GLY A 49 15.80 2.28 12.11
C GLY A 49 16.85 3.29 12.65
N HIS A 50 16.40 4.52 12.82
CA HIS A 50 17.30 5.72 12.84
C HIS A 50 16.56 7.03 13.10
N LEU A 51 17.10 7.90 13.91
CA LEU A 51 16.58 9.26 13.83
C LEU A 51 16.42 9.70 12.36
N ALA A 52 15.33 10.42 12.08
CA ALA A 52 14.95 10.83 10.75
C ALA A 52 16.10 11.56 10.00
N SER A 53 16.19 11.34 8.69
CA SER A 53 16.99 12.23 7.78
C SER A 53 16.05 12.92 6.81
N ILE A 54 16.49 14.06 6.27
CA ILE A 54 15.64 14.93 5.50
C ILE A 54 16.34 15.36 4.21
N HIS A 55 15.70 15.10 3.07
CA HIS A 55 16.41 15.29 1.80
C HIS A 55 15.86 16.32 0.78
N SER A 56 14.90 17.12 1.21
CA SER A 56 14.17 18.04 0.35
C SER A 56 13.34 18.95 1.23
N ALA A 57 13.04 20.13 0.69
CA ALA A 57 12.16 21.09 1.34
C ALA A 57 10.76 20.53 1.64
N GLU A 58 10.34 19.55 0.85
CA GLU A 58 9.05 18.90 1.03
C GLU A 58 9.02 17.96 2.23
N SER A 59 10.08 17.16 2.39
CA SER A 59 10.31 16.31 3.58
C SER A 59 10.31 17.19 4.84
N GLN A 60 11.02 18.31 4.71
CA GLN A 60 11.17 19.27 5.80
C GLN A 60 9.84 19.92 6.22
N ALA A 61 9.01 20.29 5.24
CA ALA A 61 7.72 20.87 5.53
C ALA A 61 6.80 19.81 6.14
N PHE A 62 6.94 18.58 5.68
CA PHE A 62 6.11 17.55 6.23
C PHE A 62 6.45 17.29 7.71
N LEU A 63 7.74 17.25 8.04
CA LEU A 63 8.15 16.92 9.41
C LEU A 63 7.80 18.06 10.35
N THR A 64 7.97 19.28 9.84
CA THR A 64 7.54 20.45 10.57
C THR A 64 6.06 20.38 10.94
N GLU A 65 5.21 19.99 9.99
CA GLU A 65 3.77 19.97 10.21
C GLU A 65 3.37 18.87 11.20
N LEU A 66 4.18 17.83 11.18
CA LEU A 66 3.99 16.70 12.05
C LEU A 66 4.27 17.07 13.52
N VAL A 67 5.32 17.84 13.72
CA VAL A 67 5.66 18.35 15.05
C VAL A 67 4.61 19.39 15.49
N LYS A 68 4.29 20.35 14.64
CA LYS A 68 3.33 21.38 15.02
C LYS A 68 1.96 20.82 15.35
N THR A 69 1.43 19.93 14.51
CA THR A 69 0.12 19.34 14.80
C THR A 69 0.09 18.44 16.04
N SER A 70 1.22 17.84 16.39
CA SER A 70 1.27 16.86 17.50
C SER A 70 1.51 17.49 18.89
N LEU A 71 2.07 18.68 18.86
CA LEU A 71 2.56 19.35 20.03
C LEU A 71 2.09 20.80 20.03
N PRO A 72 0.77 21.03 19.81
CA PRO A 72 0.26 22.39 19.53
C PRO A 72 0.36 23.36 20.72
N ASP A 73 0.30 22.82 21.94
CA ASP A 73 0.37 23.61 23.16
C ASP A 73 1.80 23.94 23.64
N LEU A 74 2.80 23.29 23.07
CA LEU A 74 4.19 23.55 23.44
C LEU A 74 4.86 24.58 22.51
N ILE A 75 4.21 24.98 21.41
CA ILE A 75 4.81 25.93 20.45
C ILE A 75 5.05 27.28 21.14
N THR A 76 6.31 27.66 21.26
CA THR A 76 6.63 28.96 21.81
C THR A 76 6.93 30.00 20.70
N GLY A 77 7.30 31.19 21.15
CA GLY A 77 7.74 32.26 20.24
C GLY A 77 9.24 32.24 20.05
N GLY A 78 9.88 31.23 20.62
CA GLY A 78 11.33 31.03 20.58
C GLY A 78 11.68 29.90 19.62
N TRP A 79 12.61 29.05 20.06
CA TRP A 79 13.01 27.86 19.29
C TRP A 79 12.19 26.63 19.67
N ALA A 80 11.79 26.57 20.94
CA ALA A 80 11.09 25.42 21.51
C ALA A 80 9.67 25.21 20.93
N PRO A 81 9.25 23.94 20.73
CA PRO A 81 9.93 22.68 21.11
C PRO A 81 10.97 22.26 20.11
N GLN A 82 12.14 21.83 20.58
CA GLN A 82 13.18 21.24 19.75
C GLN A 82 13.05 19.73 19.83
N VAL A 83 13.22 19.06 18.69
CA VAL A 83 12.99 17.63 18.52
C VAL A 83 14.12 17.02 17.69
N TYR A 84 14.74 15.96 18.17
CA TYR A 84 15.90 15.34 17.53
C TYR A 84 15.62 14.78 16.14
N ILE A 85 16.59 15.00 15.25
CA ILE A 85 16.67 14.31 13.97
C ILE A 85 18.07 13.64 13.91
N GLY A 86 18.38 12.85 12.88
CA GLY A 86 19.68 12.21 12.81
C GLY A 86 20.92 13.03 12.41
N MET A 87 20.94 14.33 12.63
CA MET A 87 22.08 15.17 12.11
C MET A 87 23.27 15.31 13.09
N LYS A 88 24.49 15.00 12.61
CA LYS A 88 25.72 15.08 13.39
C LYS A 88 26.70 16.09 12.79
N VAL A 89 27.04 17.12 13.56
CA VAL A 89 28.10 18.01 13.15
C VAL A 89 29.36 17.55 13.87
N GLY A 90 30.46 17.36 13.12
CA GLY A 90 31.69 16.83 13.68
C GLY A 90 32.67 17.93 14.10
N SER A 91 33.95 17.67 13.83
CA SER A 91 35.04 18.56 14.22
C SER A 91 34.96 19.96 13.63
N THR A 92 34.35 20.07 12.44
CA THR A 92 34.18 21.37 11.74
C THR A 92 32.75 21.43 11.29
N ASN A 93 32.24 22.62 10.98
CA ASN A 93 30.88 22.75 10.44
C ASN A 93 30.64 22.00 9.14
N SER A 94 31.65 21.90 8.29
CA SER A 94 31.46 21.13 7.06
C SER A 94 31.33 19.58 7.24
N ASP A 95 31.73 19.04 8.40
CA ASP A 95 31.57 17.59 8.66
C ASP A 95 30.16 17.32 9.13
N GLN A 96 29.22 17.13 8.19
CA GLN A 96 27.84 16.82 8.52
C GLN A 96 27.47 15.42 8.06
N THR A 97 26.89 14.62 8.94
CA THR A 97 26.49 13.27 8.55
C THR A 97 25.13 12.97 9.10
N TRP A 98 24.43 11.98 8.50
CA TRP A 98 23.16 11.40 9.01
C TRP A 98 23.38 9.99 9.66
N THR A 99 22.68 9.67 10.73
CA THR A 99 22.83 8.33 11.36
C THR A 99 22.48 7.09 10.51
N ASP A 100 21.44 7.17 9.69
CA ASP A 100 21.15 6.21 8.61
C ASP A 100 22.19 6.23 7.40
N GLY A 101 23.16 7.14 7.42
CA GLY A 101 24.25 7.06 6.43
C GLY A 101 23.98 7.65 5.07
N SER A 102 22.82 8.29 4.91
CA SER A 102 22.43 8.88 3.64
C SER A 102 23.19 10.16 3.39
N SER A 103 22.99 10.79 2.25
CA SER A 103 23.82 11.98 1.97
C SER A 103 23.18 13.29 2.43
N VAL A 104 24.03 14.24 2.80
CA VAL A 104 23.61 15.57 3.17
C VAL A 104 23.56 16.42 1.89
N ASP A 105 22.41 16.37 1.24
CA ASP A 105 22.14 17.08 -0.01
C ASP A 105 21.06 18.14 0.16
N TYR A 106 20.62 18.39 1.38
CA TYR A 106 19.69 19.48 1.65
C TYR A 106 20.16 20.25 2.90
N ASP A 107 20.29 21.57 2.78
CA ASP A 107 20.61 22.45 3.92
C ASP A 107 19.32 23.01 4.57
N GLY A 108 18.93 22.44 5.71
CA GLY A 108 17.74 22.91 6.45
C GLY A 108 18.00 23.77 7.69
N TRP A 109 19.25 24.19 7.88
CA TRP A 109 19.69 24.98 9.02
C TRP A 109 19.08 26.36 9.05
N VAL A 110 18.69 26.82 10.23
CA VAL A 110 18.40 28.23 10.45
C VAL A 110 19.69 29.01 10.19
N SER A 111 19.60 30.23 9.65
CA SER A 111 20.86 30.90 9.36
C SER A 111 21.60 31.23 10.65
N GLY A 112 22.89 30.91 10.65
CA GLY A 112 23.76 31.14 11.80
C GLY A 112 24.11 29.79 12.39
N GLU A 113 23.29 28.77 12.09
CA GLU A 113 23.50 27.39 12.54
C GLU A 113 24.26 26.59 11.45
N PRO A 114 25.11 25.61 11.85
CA PRO A 114 25.45 25.19 13.23
C PRO A 114 26.49 26.12 13.84
N ASN A 115 26.46 26.28 15.16
CA ASN A 115 27.33 27.27 15.85
C ASN A 115 27.74 26.80 17.25
N ASN A 116 27.45 25.53 17.54
CA ASN A 116 27.75 24.95 18.83
C ASN A 116 28.71 23.79 18.73
N GLY A 117 29.40 23.67 17.60
CA GLY A 117 30.41 22.61 17.42
C GLY A 117 31.60 22.73 18.36
N PRO A 118 32.47 21.71 18.37
CA PRO A 118 32.33 20.48 17.62
C PRO A 118 31.41 19.44 18.30
N ASN A 119 31.01 18.45 17.52
CA ASN A 119 30.22 17.34 18.04
C ASN A 119 28.88 17.77 18.62
N SER A 120 28.15 18.60 17.87
CA SER A 120 26.83 19.01 18.25
C SER A 120 25.83 18.18 17.46
N ARG A 121 24.54 18.42 17.64
CA ARG A 121 23.52 17.53 17.08
C ARG A 121 22.37 18.31 16.51
N GLY A 122 21.74 17.82 15.46
CA GLY A 122 20.66 18.59 14.85
C GLY A 122 19.29 18.29 15.45
N ALA A 123 18.44 19.31 15.45
CA ALA A 123 17.08 19.23 15.97
C ALA A 123 16.22 20.14 15.13
N ILE A 124 14.96 19.72 14.97
CA ILE A 124 13.92 20.59 14.42
C ILE A 124 13.42 21.60 15.46
N ALA A 125 13.49 22.88 15.13
CA ALA A 125 13.17 23.90 16.12
C ALA A 125 11.86 24.53 15.74
N ALA A 126 10.76 24.02 16.33
CA ALA A 126 9.42 24.36 15.87
C ALA A 126 8.76 25.64 16.44
N GLY A 127 9.43 26.32 17.36
CA GLY A 127 8.95 27.61 17.80
C GLY A 127 8.92 28.65 16.70
N ASP A 128 8.19 29.73 16.94
CA ASP A 128 7.86 30.70 15.93
C ASP A 128 9.08 31.42 15.37
N TYR A 129 10.21 31.30 16.06
CA TYR A 129 11.43 32.02 15.69
C TYR A 129 12.16 31.34 14.53
N SER A 130 11.99 30.02 14.42
CA SER A 130 12.76 29.18 13.51
C SER A 130 11.90 28.36 12.60
N ARG A 131 10.62 28.31 12.92
CA ARG A 131 9.63 27.69 12.04
C ARG A 131 9.88 26.21 11.68
N GLY A 132 10.56 25.47 12.54
CA GLY A 132 10.86 24.08 12.22
C GLY A 132 12.23 23.82 11.63
N PHE A 133 12.87 24.85 11.07
CA PHE A 133 14.24 24.73 10.53
C PHE A 133 15.24 24.44 11.65
N TRP A 134 16.46 24.01 11.28
CA TRP A 134 17.29 23.28 12.25
C TRP A 134 18.15 24.12 13.18
N ALA A 135 18.18 23.74 14.46
CA ALA A 135 19.20 24.23 15.37
C ALA A 135 20.22 23.11 15.61
N ASP A 136 21.43 23.46 16.05
CA ASP A 136 22.34 22.48 16.60
C ASP A 136 22.48 22.65 18.13
N VAL A 137 22.73 21.56 18.82
CA VAL A 137 22.58 21.52 20.27
C VAL A 137 23.53 20.54 20.84
N TYR A 138 23.64 20.54 22.14
CA TYR A 138 24.34 19.51 22.90
C TYR A 138 23.72 18.15 22.91
N SER A 139 24.55 17.15 22.69
CA SER A 139 24.08 15.78 22.62
C SER A 139 23.44 15.31 23.92
N ASN A 140 23.66 16.09 24.98
CA ASN A 140 23.24 15.71 26.31
C ASN A 140 21.89 16.31 26.71
N ASN A 141 21.35 17.14 25.82
CA ASN A 141 19.96 17.59 25.93
C ASN A 141 18.95 16.46 25.81
N ASN A 142 17.95 16.48 26.68
CA ASN A 142 16.89 15.48 26.65
C ASN A 142 15.64 15.98 25.92
N PHE A 143 15.40 15.46 24.72
CA PHE A 143 14.33 15.95 23.83
C PHE A 143 13.45 14.82 23.31
N LYS A 144 12.32 15.19 22.75
CA LYS A 144 11.50 14.27 21.97
C LYS A 144 12.24 14.11 20.64
N TYR A 145 11.83 13.12 19.83
CA TYR A 145 12.64 12.74 18.64
C TYR A 145 11.79 12.05 17.59
N ILE A 146 12.26 12.12 16.34
CA ILE A 146 11.55 11.44 15.25
C ILE A 146 12.34 10.28 14.66
N CYS A 147 11.76 9.06 14.73
CA CYS A 147 12.34 7.89 14.09
C CYS A 147 11.82 7.66 12.68
N GLN A 148 12.68 7.12 11.82
CA GLN A 148 12.29 6.61 10.51
C GLN A 148 12.54 5.12 10.49
N LEU A 149 11.69 4.38 9.78
CA LEU A 149 11.89 2.96 9.55
C LEU A 149 12.82 2.79 8.39
N PRO A 150 13.48 1.64 8.30
CA PRO A 150 14.50 1.47 7.27
C PRO A 150 13.92 1.83 5.92
N CYS A 151 14.54 2.81 5.24
CA CYS A 151 14.12 3.25 3.91
C CYS A 151 14.61 2.28 2.87
N VAL A 152 13.78 1.93 1.91
CA VAL A 152 14.11 0.76 1.09
C VAL A 152 13.29 0.75 -0.21
N HIS A 153 13.90 0.35 -1.31
CA HIS A 153 13.19 0.24 -2.59
C HIS A 153 13.61 -0.98 -3.40
N TYR A 154 12.73 -1.46 -4.25
CA TYR A 154 13.06 -2.54 -5.17
C TYR A 154 13.93 -2.04 -6.32
N THR A 155 14.83 -2.92 -6.80
CA THR A 155 15.69 -2.66 -7.95
C THR A 155 15.26 -3.63 -9.07
N LEU A 156 14.92 -3.16 -10.27
CA LEU A 156 14.36 -4.09 -11.29
C LEU A 156 15.08 -4.19 -12.65
N GLU A 157 15.87 -5.25 -12.83
CA GLU A 157 16.63 -5.47 -14.08
C GLU A 157 16.69 -6.95 -14.56
N LEU B 2 -0.10 -4.07 6.17
CA LEU B 2 0.08 -2.59 6.05
C LEU B 2 -1.02 -1.96 5.22
N THR B 3 -1.58 -0.89 5.77
CA THR B 3 -2.62 -0.06 5.15
C THR B 3 -1.94 1.19 4.58
N SER B 4 -2.38 1.67 3.41
CA SER B 4 -1.84 2.94 2.89
C SER B 4 -2.75 4.11 3.16
N CYS B 5 -2.16 5.18 3.70
CA CYS B 5 -2.89 6.36 4.12
C CYS B 5 -2.12 7.58 3.67
N PRO B 6 -2.81 8.72 3.54
CA PRO B 6 -2.15 9.97 3.18
C PRO B 6 -1.20 10.43 4.30
N PRO B 7 -0.30 11.35 4.02
CA PRO B 7 0.54 11.92 5.08
C PRO B 7 -0.26 12.43 6.30
N LEU B 8 0.31 12.31 7.50
CA LEU B 8 -0.34 12.71 8.77
C LEU B 8 -1.43 11.73 9.28
N TRP B 9 -1.87 10.81 8.43
CA TRP B 9 -2.92 9.90 8.79
C TRP B 9 -2.24 8.58 9.08
N THR B 10 -2.88 7.74 9.89
CA THR B 10 -2.27 6.50 10.27
C THR B 10 -3.24 5.33 10.08
N GLY B 11 -2.77 4.24 9.50
CA GLY B 11 -3.68 3.16 9.15
C GLY B 11 -3.73 1.99 10.09
N PHE B 12 -4.88 1.34 10.17
CA PHE B 12 -5.04 0.10 10.88
C PHE B 12 -6.16 -0.71 10.21
N ASN B 13 -5.80 -1.86 9.65
CA ASN B 13 -6.78 -2.83 9.23
C ASN B 13 -7.61 -2.36 8.05
N GLY B 14 -6.98 -1.62 7.13
CA GLY B 14 -7.71 -1.09 5.98
C GLY B 14 -8.43 0.25 6.17
N LYS B 15 -8.28 0.88 7.34
CA LYS B 15 -8.83 2.19 7.63
C LYS B 15 -7.73 3.22 7.96
N CYS B 16 -7.97 4.47 7.62
CA CYS B 16 -7.05 5.57 7.94
C CYS B 16 -7.66 6.47 9.00
N PHE B 17 -6.90 6.77 10.05
CA PHE B 17 -7.38 7.63 11.15
C PHE B 17 -6.50 8.85 11.39
N ARG B 18 -7.05 9.84 12.09
CA ARG B 18 -6.27 10.96 12.56
C ARG B 18 -6.96 11.60 13.76
N LEU B 19 -6.16 11.98 14.74
CA LEU B 19 -6.64 12.72 15.90
C LEU B 19 -6.38 14.21 15.67
N PHE B 20 -7.43 15.00 15.91
CA PHE B 20 -7.34 16.45 15.80
C PHE B 20 -7.38 17.11 17.17
N HIS B 21 -6.52 18.11 17.36
CA HIS B 21 -6.24 18.68 18.69
C HIS B 21 -7.14 19.86 19.12
N ASN B 22 -7.75 20.53 18.17
CA ASN B 22 -8.71 21.57 18.54
C ASN B 22 -10.09 21.02 19.03
N HIS B 23 -10.67 21.72 20.00
CA HIS B 23 -11.86 21.23 20.70
C HIS B 23 -13.13 21.70 19.98
N LEU B 24 -13.95 20.74 19.57
CA LEU B 24 -15.21 21.00 18.91
C LEU B 24 -16.33 20.23 19.64
N ASN B 25 -17.56 20.73 19.58
CA ASN B 25 -18.71 19.93 19.99
C ASN B 25 -19.02 18.83 18.96
N PHE B 26 -19.92 17.93 19.30
CA PHE B 26 -20.12 16.73 18.51
C PHE B 26 -20.46 17.05 17.05
N ASP B 27 -21.44 17.92 16.79
CA ASP B 27 -21.82 18.27 15.40
C ASP B 27 -20.71 18.97 14.61
N ASN B 28 -20.01 19.91 15.23
CA ASN B 28 -18.95 20.56 14.53
C ASN B 28 -17.82 19.62 14.19
N ALA B 29 -17.65 18.57 15.02
CA ALA B 29 -16.53 17.65 14.90
C ALA B 29 -16.81 16.74 13.73
N GLU B 30 -18.02 16.17 13.73
CA GLU B 30 -18.50 15.36 12.62
C GLU B 30 -18.47 16.11 11.30
N ASN B 31 -18.81 17.40 11.35
CA ASN B 31 -18.68 18.27 10.21
C ASN B 31 -17.25 18.42 9.74
N ALA B 32 -16.32 18.63 10.68
CA ALA B 32 -14.90 18.71 10.35
C ALA B 32 -14.42 17.46 9.57
N CYS B 33 -14.82 16.28 10.04
CA CYS B 33 -14.45 15.03 9.39
C CYS B 33 -15.05 14.88 8.00
N ARG B 34 -16.24 15.46 7.81
CA ARG B 34 -16.90 15.43 6.51
C ARG B 34 -16.22 16.29 5.42
N GLN B 35 -15.21 17.06 5.81
CA GLN B 35 -14.42 17.84 4.85
C GLN B 35 -13.43 16.96 4.14
N PHE B 36 -13.26 15.72 4.60
CA PHE B 36 -12.34 14.79 3.96
C PHE B 36 -13.13 13.81 3.13
N GLY B 37 -12.67 13.48 1.93
CA GLY B 37 -13.52 12.70 1.04
C GLY B 37 -12.88 11.62 0.24
N LEU B 38 -13.70 10.97 -0.58
CA LEU B 38 -13.23 10.05 -1.59
C LEU B 38 -13.82 10.48 -2.90
N ALA B 39 -13.02 10.49 -3.95
CA ALA B 39 -13.52 10.90 -5.27
C ALA B 39 -13.00 10.01 -6.38
N SER B 40 -13.83 9.78 -7.40
CA SER B 40 -13.36 9.20 -8.67
C SER B 40 -12.26 10.10 -9.27
N CYS B 41 -11.41 9.54 -10.10
CA CYS B 41 -10.32 10.30 -10.73
C CYS B 41 -10.84 11.28 -11.77
N SER B 42 -12.07 11.04 -12.22
CA SER B 42 -12.74 11.88 -13.20
C SER B 42 -13.57 13.01 -12.55
N GLY B 43 -13.52 13.16 -11.23
CA GLY B 43 -14.18 14.29 -10.54
C GLY B 43 -15.36 14.06 -9.55
N ASP B 44 -16.15 13.01 -9.71
CA ASP B 44 -17.32 12.84 -8.85
C ASP B 44 -16.92 12.50 -7.41
N GLU B 45 -17.42 13.26 -6.46
CA GLU B 45 -17.30 12.91 -5.03
C GLU B 45 -18.16 11.67 -4.67
N LEU B 46 -17.53 10.62 -4.17
CA LEU B 46 -18.25 9.37 -3.89
C LEU B 46 -18.64 9.20 -2.43
N ALA B 47 -17.81 9.63 -1.50
CA ALA B 47 -18.12 9.46 -0.09
C ALA B 47 -17.44 10.53 0.74
N THR B 48 -17.82 10.58 2.02
CA THR B 48 -17.29 11.57 2.94
C THR B 48 -16.68 10.86 4.13
N GLY B 49 -15.73 11.53 4.78
CA GLY B 49 -15.34 11.11 6.13
C GLY B 49 -16.39 11.24 7.24
N HIS B 50 -15.90 11.01 8.47
CA HIS B 50 -16.73 10.71 9.69
C HIS B 50 -15.90 10.59 10.94
N LEU B 51 -16.40 11.05 12.07
CA LEU B 51 -15.85 10.51 13.32
C LEU B 51 -15.72 8.97 13.24
N ALA B 52 -14.62 8.48 13.79
CA ALA B 52 -14.29 7.06 13.84
C ALA B 52 -15.39 6.14 14.38
N SER B 53 -15.53 4.96 13.76
CA SER B 53 -16.34 3.87 14.33
C SER B 53 -15.35 2.78 14.63
N ILE B 54 -15.75 1.85 15.51
CA ILE B 54 -14.88 0.83 16.07
C ILE B 54 -15.62 -0.51 16.08
N HIS B 55 -15.02 -1.53 15.48
CA HIS B 55 -15.73 -2.81 15.27
C HIS B 55 -15.08 -4.10 15.85
N SER B 56 -14.11 -3.93 16.74
CA SER B 56 -13.37 -5.03 17.31
C SER B 56 -12.49 -4.53 18.45
N ALA B 57 -12.15 -5.43 19.37
CA ALA B 57 -11.26 -5.13 20.48
C ALA B 57 -9.88 -4.66 20.00
N GLU B 58 -9.48 -5.10 18.82
CA GLU B 58 -8.23 -4.71 18.23
C GLU B 58 -8.25 -3.26 17.73
N SER B 59 -9.36 -2.84 17.09
CA SER B 59 -9.54 -1.44 16.64
C SER B 59 -9.47 -0.56 17.88
N GLN B 60 -10.11 -1.04 18.94
CA GLN B 60 -10.26 -0.28 20.17
C GLN B 60 -8.92 -0.07 20.88
N ALA B 61 -8.09 -1.11 20.90
CA ALA B 61 -6.77 -1.04 21.51
C ALA B 61 -5.87 -0.13 20.69
N PHE B 62 -6.00 -0.18 19.38
CA PHE B 62 -5.23 0.69 18.50
C PHE B 62 -5.60 2.16 18.72
N LEU B 63 -6.89 2.45 18.84
CA LEU B 63 -7.32 3.84 19.01
C LEU B 63 -6.91 4.39 20.37
N THR B 64 -7.02 3.55 21.40
CA THR B 64 -6.57 3.85 22.74
C THR B 64 -5.08 4.21 22.79
N GLU B 65 -4.26 3.44 22.11
CA GLU B 65 -2.81 3.68 22.08
C GLU B 65 -2.47 4.96 21.34
N LEU B 66 -3.27 5.28 20.33
CA LEU B 66 -3.08 6.46 19.52
C LEU B 66 -3.36 7.70 20.36
N VAL B 67 -4.42 7.61 21.17
CA VAL B 67 -4.74 8.70 22.08
C VAL B 67 -3.65 8.80 23.14
N LYS B 68 -3.36 7.69 23.81
CA LYS B 68 -2.31 7.75 24.84
C LYS B 68 -0.92 8.23 24.36
N THR B 69 -0.46 7.77 23.20
CA THR B 69 0.86 8.22 22.69
C THR B 69 0.90 9.68 22.25
N SER B 70 -0.25 10.24 21.85
CA SER B 70 -0.30 11.59 21.30
C SER B 70 -0.50 12.65 22.36
N LEU B 71 -1.06 12.24 23.49
CA LEU B 71 -1.51 13.17 24.52
C LEU B 71 -0.97 12.76 25.89
N PRO B 72 0.34 12.44 25.96
CA PRO B 72 0.86 11.74 27.14
C PRO B 72 0.78 12.56 28.44
N ASP B 73 0.89 13.88 28.33
CA ASP B 73 0.84 14.79 29.48
C ASP B 73 -0.56 15.17 29.94
N LEU B 74 -1.58 14.72 29.21
CA LEU B 74 -2.96 15.02 29.59
C LEU B 74 -3.63 13.86 30.36
N ILE B 75 -3.04 12.67 30.27
CA ILE B 75 -3.62 11.48 30.92
C ILE B 75 -3.81 11.70 32.42
N THR B 76 -5.05 11.76 32.87
CA THR B 76 -5.30 11.87 34.31
C THR B 76 -5.58 10.51 34.97
N GLY B 77 -5.91 10.54 36.25
CA GLY B 77 -6.30 9.34 37.03
C GLY B 77 -7.79 9.12 37.02
N GLY B 78 -8.50 9.98 36.28
CA GLY B 78 -9.97 9.91 36.10
C GLY B 78 -10.35 9.39 34.74
N TRP B 79 -11.27 10.10 34.07
CA TRP B 79 -11.68 9.81 32.71
C TRP B 79 -10.85 10.57 31.64
N ALA B 80 -10.41 11.77 31.99
CA ALA B 80 -9.83 12.68 31.03
C ALA B 80 -8.48 12.18 30.59
N PRO B 81 -8.10 12.41 29.31
CA PRO B 81 -8.80 13.16 28.27
C PRO B 81 -9.86 12.34 27.58
N GLN B 82 -11.03 12.94 27.37
CA GLN B 82 -12.09 12.35 26.56
C GLN B 82 -11.95 12.91 25.13
N VAL B 83 -12.13 12.02 24.16
CA VAL B 83 -11.95 12.32 22.75
C VAL B 83 -13.15 11.74 21.96
N TYR B 84 -13.84 12.57 21.18
CA TYR B 84 -15.01 12.14 20.36
C TYR B 84 -14.77 11.02 19.33
N ILE B 85 -15.70 10.06 19.30
CA ILE B 85 -15.79 9.05 18.24
C ILE B 85 -17.19 9.22 17.66
N GLY B 86 -17.54 8.49 16.62
CA GLY B 86 -18.85 8.67 16.04
C GLY B 86 -20.11 8.07 16.66
N MET B 87 -20.10 7.78 17.97
CA MET B 87 -21.23 7.04 18.59
C MET B 87 -22.37 7.95 19.06
N LYS B 88 -23.60 7.59 18.68
CA LYS B 88 -24.82 8.28 19.09
C LYS B 88 -25.77 7.37 19.88
N VAL B 89 -26.10 7.77 21.11
CA VAL B 89 -27.15 7.13 21.85
C VAL B 89 -28.44 7.95 21.71
N GLY B 90 -29.54 7.33 21.28
CA GLY B 90 -30.77 8.03 21.01
C GLY B 90 -31.69 8.00 22.21
N SER B 91 -32.97 7.79 21.95
CA SER B 91 -34.03 7.92 22.95
C SER B 91 -33.95 6.90 24.08
N THR B 92 -33.36 5.75 23.80
CA THR B 92 -33.15 4.69 24.81
C THR B 92 -31.72 4.20 24.63
N ASN B 93 -31.20 3.50 25.63
CA ASN B 93 -29.82 3.00 25.55
C ASN B 93 -29.59 1.99 24.42
N SER B 94 -30.63 1.28 24.02
CA SER B 94 -30.46 0.34 22.93
C SER B 94 -30.41 1.01 21.55
N ASP B 95 -30.79 2.28 21.45
CA ASP B 95 -30.67 2.99 20.17
C ASP B 95 -29.24 3.52 20.01
N GLN B 96 -28.36 2.71 19.43
CA GLN B 96 -26.97 3.11 19.20
C GLN B 96 -26.64 3.09 17.72
N THR B 97 -26.03 4.16 17.23
CA THR B 97 -25.68 4.25 15.81
C THR B 97 -24.33 4.90 15.64
N TRP B 98 -23.72 4.70 14.48
CA TRP B 98 -22.46 5.31 14.10
C TRP B 98 -22.72 6.36 13.00
N THR B 99 -21.98 7.46 12.98
CA THR B 99 -22.21 8.50 11.93
C THR B 99 -21.93 8.06 10.44
N ASP B 100 -20.85 7.32 10.20
CA ASP B 100 -20.62 6.55 8.97
C ASP B 100 -21.70 5.43 8.59
N GLY B 101 -22.69 5.21 9.46
CA GLY B 101 -23.77 4.27 9.17
C GLY B 101 -23.45 2.80 9.27
N SER B 102 -22.26 2.44 9.76
CA SER B 102 -21.87 1.03 9.95
C SER B 102 -22.64 0.42 11.13
N SER B 103 -22.45 -0.87 11.37
CA SER B 103 -23.25 -1.52 12.39
C SER B 103 -22.57 -1.52 13.75
N VAL B 104 -23.40 -1.46 14.79
CA VAL B 104 -22.91 -1.54 16.16
C VAL B 104 -22.81 -3.02 16.55
N ASP B 105 -21.65 -3.62 16.30
CA ASP B 105 -21.37 -5.05 16.58
C ASP B 105 -20.24 -5.27 17.60
N TYR B 106 -19.79 -4.20 18.25
CA TYR B 106 -18.81 -4.26 19.32
C TYR B 106 -19.21 -3.30 20.45
N ASP B 107 -19.30 -3.81 21.68
CA ASP B 107 -19.65 -3.04 22.88
C ASP B 107 -18.36 -2.62 23.59
N GLY B 108 -17.93 -1.37 23.39
CA GLY B 108 -16.72 -0.83 24.03
C GLY B 108 -16.92 0.07 25.25
N TRP B 109 -18.16 0.14 25.74
CA TRP B 109 -18.54 0.97 26.86
C TRP B 109 -17.88 0.54 28.17
N VAL B 110 -17.44 1.51 28.96
CA VAL B 110 -17.15 1.30 30.35
C VAL B 110 -18.42 0.85 31.05
N SER B 111 -18.35 -0.11 31.97
CA SER B 111 -19.58 -0.60 32.62
C SER B 111 -20.26 0.52 33.42
N GLY B 112 -21.58 0.63 33.25
CA GLY B 112 -22.33 1.78 33.75
C GLY B 112 -22.81 2.66 32.61
N GLU B 113 -22.03 2.69 31.52
CA GLU B 113 -22.25 3.57 30.37
C GLU B 113 -22.97 2.80 29.28
N PRO B 114 -23.88 3.48 28.54
CA PRO B 114 -24.24 4.88 28.66
C PRO B 114 -25.24 5.12 29.80
N ASN B 115 -25.23 6.33 30.37
CA ASN B 115 -26.10 6.70 31.50
C ASN B 115 -26.50 8.18 31.47
N ASN B 116 -26.21 8.87 30.37
CA ASN B 116 -26.58 10.28 30.25
C ASN B 116 -27.56 10.53 29.12
N GLY B 117 -28.32 9.50 28.76
CA GLY B 117 -29.34 9.59 27.73
C GLY B 117 -30.53 10.43 28.14
N PRO B 118 -31.38 10.81 27.19
CA PRO B 118 -31.27 10.50 25.78
C PRO B 118 -30.37 11.47 25.00
N ASN B 119 -30.05 11.09 23.76
CA ASN B 119 -29.28 11.92 22.85
C ASN B 119 -27.98 12.38 23.45
N SER B 120 -27.22 11.42 23.93
CA SER B 120 -25.85 11.63 24.37
C SER B 120 -24.88 11.16 23.27
N ARG B 121 -23.58 11.33 23.51
CA ARG B 121 -22.56 11.01 22.52
C ARG B 121 -21.41 10.22 23.11
N GLY B 122 -20.85 9.29 22.34
CA GLY B 122 -19.71 8.51 22.81
C GLY B 122 -18.36 9.19 22.66
N ALA B 123 -17.47 8.89 23.58
CA ALA B 123 -16.13 9.42 23.58
C ALA B 123 -15.22 8.34 24.16
N ILE B 124 -13.99 8.27 23.66
CA ILE B 124 -12.93 7.46 24.27
C ILE B 124 -12.40 8.15 25.54
N ALA B 125 -12.48 7.48 26.68
CA ALA B 125 -12.07 8.12 27.92
C ALA B 125 -10.72 7.56 28.34
N ALA B 126 -9.65 8.31 28.06
CA ALA B 126 -8.28 7.71 28.14
C ALA B 126 -7.59 7.81 29.50
N GLY B 127 -8.23 8.46 30.48
CA GLY B 127 -7.73 8.50 31.85
C GLY B 127 -7.67 7.10 32.44
N ASP B 128 -6.88 6.98 33.51
CA ASP B 128 -6.53 5.70 34.13
C ASP B 128 -7.74 4.93 34.66
N TYR B 129 -8.85 5.62 34.86
CA TYR B 129 -10.04 5.02 35.43
C TYR B 129 -10.78 4.17 34.42
N SER B 130 -10.66 4.52 33.14
CA SER B 130 -11.49 3.91 32.09
C SER B 130 -10.66 3.24 31.02
N ARG B 131 -9.37 3.62 30.98
CA ARG B 131 -8.37 2.97 30.11
C ARG B 131 -8.70 3.06 28.60
N GLY B 132 -9.43 4.09 28.20
CA GLY B 132 -9.78 4.27 26.79
C GLY B 132 -11.16 3.82 26.37
N PHE B 133 -11.79 2.97 27.17
CA PHE B 133 -13.15 2.52 26.91
C PHE B 133 -14.18 3.65 27.04
N TRP B 134 -15.40 3.44 26.57
CA TRP B 134 -16.23 4.59 26.21
C TRP B 134 -17.08 5.16 27.31
N ALA B 135 -17.09 6.49 27.39
CA ALA B 135 -18.04 7.24 28.21
C ALA B 135 -19.07 7.87 27.29
N ASP B 136 -20.29 8.12 27.78
CA ASP B 136 -21.22 8.98 27.04
C ASP B 136 -21.33 10.35 27.69
N VAL B 137 -21.43 11.35 26.83
CA VAL B 137 -21.39 12.76 27.26
C VAL B 137 -22.43 13.58 26.51
N TYR B 138 -22.53 14.84 26.90
CA TYR B 138 -23.26 15.87 26.19
C TYR B 138 -22.64 16.34 24.93
N SER B 139 -23.46 16.42 23.89
CA SER B 139 -23.01 16.81 22.58
C SER B 139 -22.41 18.21 22.59
N ASN B 140 -22.61 18.94 23.67
CA ASN B 140 -22.18 20.30 23.69
C ASN B 140 -20.81 20.53 24.31
N ASN B 141 -20.24 19.45 24.83
CA ASN B 141 -18.86 19.43 25.28
C ASN B 141 -17.89 19.65 24.13
N ASN B 142 -16.87 20.45 24.38
CA ASN B 142 -15.84 20.70 23.36
C ASN B 142 -14.61 19.83 23.60
N PHE B 143 -14.37 18.90 22.68
CA PHE B 143 -13.36 17.88 22.83
C PHE B 143 -12.54 17.72 21.55
N LYS B 144 -11.38 17.08 21.71
CA LYS B 144 -10.59 16.62 20.59
C LYS B 144 -11.36 15.44 19.99
N TYR B 145 -10.98 15.03 18.79
CA TYR B 145 -11.79 14.01 18.08
C TYR B 145 -10.96 13.23 17.10
N ILE B 146 -11.44 12.04 16.72
CA ILE B 146 -10.74 11.23 15.72
C ILE B 146 -11.57 11.04 14.46
N CYS B 147 -11.01 11.45 13.31
CA CYS B 147 -11.66 11.22 12.03
C CYS B 147 -11.20 9.93 11.37
N GLN B 148 -12.11 9.28 10.65
CA GLN B 148 -11.72 8.26 9.70
C GLN B 148 -12.00 8.72 8.26
N LEU B 149 -11.14 8.30 7.33
CA LEU B 149 -11.40 8.45 5.91
C LEU B 149 -12.41 7.45 5.38
N PRO B 150 -13.11 7.79 4.27
CA PRO B 150 -14.10 6.82 3.80
C PRO B 150 -13.48 5.42 3.70
N CYS B 151 -14.04 4.48 4.47
CA CYS B 151 -13.69 3.09 4.47
C CYS B 151 -14.24 2.43 3.20
N VAL B 152 -13.41 1.70 2.47
CA VAL B 152 -13.86 1.12 1.19
C VAL B 152 -13.08 -0.11 0.79
N HIS B 153 -13.74 -1.01 0.07
CA HIS B 153 -13.02 -2.13 -0.50
C HIS B 153 -13.47 -2.47 -1.93
N TYR B 154 -12.63 -3.17 -2.67
CA TYR B 154 -13.03 -3.66 -3.97
C TYR B 154 -13.94 -4.89 -3.84
N THR B 155 -14.87 -5.04 -4.76
CA THR B 155 -15.74 -6.22 -4.85
C THR B 155 -15.43 -7.02 -6.13
N LEU B 156 -15.25 -8.32 -6.06
CA LEU B 156 -14.90 -9.01 -7.30
C LEU B 156 -15.88 -10.14 -7.56
N GLU B 157 -16.61 -10.01 -8.66
CA GLU B 157 -17.74 -10.90 -9.03
C GLU B 157 -18.30 -10.58 -10.43
N LEU C 2 -4.43 -6.02 1.46
CA LEU C 2 -4.06 -5.49 0.10
C LEU C 2 -2.58 -5.09 -0.03
N THR C 3 -1.91 -5.60 -1.07
CA THR C 3 -0.46 -5.59 -1.18
C THR C 3 0.04 -4.66 -2.30
N SER C 4 1.08 -3.86 -2.05
CA SER C 4 1.62 -3.03 -3.13
C SER C 4 2.81 -3.66 -3.84
N CYS C 5 2.69 -3.78 -5.16
CA CYS C 5 3.72 -4.39 -6.00
C CYS C 5 4.07 -3.49 -7.15
N PRO C 6 5.25 -3.69 -7.73
CA PRO C 6 5.61 -2.88 -8.89
C PRO C 6 4.72 -3.25 -10.09
N PRO C 7 4.74 -2.46 -11.17
CA PRO C 7 4.06 -2.83 -12.41
C PRO C 7 4.36 -4.24 -12.91
N LEU C 8 3.35 -4.95 -13.43
CA LEU C 8 3.50 -6.34 -13.98
C LEU C 8 3.53 -7.43 -12.93
N TRP C 9 3.70 -7.03 -11.67
CA TRP C 9 3.81 -7.96 -10.55
C TRP C 9 2.48 -7.91 -9.84
N THR C 10 2.15 -8.98 -9.15
CA THR C 10 0.82 -9.10 -8.57
C THR C 10 0.99 -9.61 -7.14
N GLY C 11 0.26 -8.99 -6.21
CA GLY C 11 0.46 -9.26 -4.79
C GLY C 11 -0.52 -10.24 -4.17
N PHE C 12 -0.06 -10.98 -3.19
CA PHE C 12 -0.93 -11.72 -2.32
C PHE C 12 -0.26 -11.77 -0.95
N ASN C 13 -1.00 -11.30 0.04
CA ASN C 13 -0.65 -11.51 1.43
C ASN C 13 0.70 -10.95 1.81
N GLY C 14 1.04 -9.79 1.26
CA GLY C 14 2.33 -9.17 1.57
C GLY C 14 3.49 -9.57 0.65
N LYS C 15 3.25 -10.47 -0.30
CA LYS C 15 4.26 -10.86 -1.27
C LYS C 15 3.88 -10.50 -2.70
N CYS C 16 4.89 -10.27 -3.53
CA CYS C 16 4.75 -9.85 -4.95
C CYS C 16 5.32 -10.93 -5.90
N PHE C 17 4.48 -11.40 -6.81
CA PHE C 17 4.81 -12.55 -7.67
C PHE C 17 4.65 -12.23 -9.14
N ARG C 18 5.33 -13.00 -9.96
CA ARG C 18 5.26 -12.84 -11.40
C ARG C 18 5.63 -14.14 -12.08
N LEU C 19 4.82 -14.48 -13.09
CA LEU C 19 5.06 -15.63 -13.92
C LEU C 19 5.81 -15.22 -15.20
N PHE C 20 6.91 -15.92 -15.49
CA PHE C 20 7.69 -15.67 -16.70
C PHE C 20 7.51 -16.78 -17.71
N HIS C 21 7.36 -16.40 -18.98
CA HIS C 21 6.92 -17.33 -20.03
C HIS C 21 8.02 -18.03 -20.79
N ASN C 22 9.27 -17.58 -20.66
CA ASN C 22 10.36 -18.29 -21.33
C ASN C 22 10.84 -19.49 -20.50
N HIS C 23 11.25 -20.55 -21.18
CA HIS C 23 11.59 -21.79 -20.50
C HIS C 23 13.05 -21.81 -20.08
N LEU C 24 13.29 -22.16 -18.83
CA LEU C 24 14.64 -22.20 -18.25
C LEU C 24 14.72 -23.41 -17.31
N ASN C 25 15.90 -24.04 -17.22
CA ASN C 25 16.13 -25.07 -16.22
C ASN C 25 16.15 -24.44 -14.84
N PHE C 26 16.19 -25.27 -13.80
CA PHE C 26 15.97 -24.81 -12.46
C PHE C 26 17.00 -23.73 -12.10
N ASP C 27 18.29 -24.02 -12.23
CA ASP C 27 19.35 -23.06 -11.88
C ASP C 27 19.22 -21.74 -12.62
N ASN C 28 18.98 -21.80 -13.93
CA ASN C 28 18.90 -20.53 -14.69
C ASN C 28 17.69 -19.72 -14.27
N ALA C 29 16.64 -20.41 -13.83
CA ALA C 29 15.39 -19.79 -13.48
C ALA C 29 15.61 -19.04 -12.17
N GLU C 30 16.16 -19.75 -11.19
CA GLU C 30 16.47 -19.15 -9.89
C GLU C 30 17.37 -17.94 -10.10
N ASN C 31 18.28 -18.07 -11.05
CA ASN C 31 19.21 -17.01 -11.37
C ASN C 31 18.45 -15.82 -11.90
N ALA C 32 17.53 -16.06 -12.84
CA ALA C 32 16.67 -15.02 -13.37
C ALA C 32 15.94 -14.22 -12.28
N CYS C 33 15.29 -14.91 -11.33
CA CYS C 33 14.67 -14.27 -10.17
C CYS C 33 15.63 -13.48 -9.26
N ARG C 34 16.88 -13.94 -9.13
CA ARG C 34 17.93 -13.18 -8.40
C ARG C 34 18.37 -11.81 -9.04
N GLN C 35 17.89 -11.52 -10.25
CA GLN C 35 18.13 -10.22 -10.86
C GLN C 35 17.20 -9.18 -10.25
N PHE C 36 16.18 -9.63 -9.51
CA PHE C 36 15.31 -8.63 -8.88
C PHE C 36 15.73 -8.46 -7.43
N GLY C 37 15.67 -7.26 -6.89
CA GLY C 37 16.21 -7.12 -5.54
C GLY C 37 15.51 -6.16 -4.61
N LEU C 38 16.09 -5.97 -3.45
CA LEU C 38 15.65 -4.94 -2.52
C LEU C 38 16.88 -4.09 -2.13
N ALA C 39 16.71 -2.78 -1.98
CA ALA C 39 17.86 -1.89 -1.75
C ALA C 39 17.50 -0.70 -0.87
N SER C 40 18.42 -0.32 0.01
CA SER C 40 18.26 0.91 0.77
C SER C 40 18.24 2.07 -0.23
N CYS C 41 17.62 3.20 0.17
CA CYS C 41 17.50 4.38 -0.71
C CYS C 41 18.87 5.02 -0.91
N SER C 42 19.76 4.71 0.01
CA SER C 42 21.15 5.18 -0.02
C SER C 42 22.12 4.27 -0.78
N GLY C 43 21.63 3.17 -1.38
CA GLY C 43 22.44 2.41 -2.35
C GLY C 43 22.75 0.95 -2.09
N ASP C 44 22.79 0.53 -0.82
CA ASP C 44 23.19 -0.85 -0.48
C ASP C 44 22.11 -1.86 -0.87
N GLU C 45 22.50 -2.91 -1.57
CA GLU C 45 21.61 -4.01 -1.93
C GLU C 45 21.34 -4.91 -0.72
N LEU C 46 20.08 -5.07 -0.32
CA LEU C 46 19.80 -5.76 0.94
C LEU C 46 19.38 -7.21 0.80
N ALA C 47 18.66 -7.53 -0.28
CA ALA C 47 18.23 -8.92 -0.51
C ALA C 47 18.04 -9.15 -1.99
N THR C 48 17.69 -10.38 -2.32
CA THR C 48 17.49 -10.78 -3.70
C THR C 48 16.16 -11.50 -3.82
N GLY C 49 15.55 -11.41 -4.99
CA GLY C 49 14.54 -12.38 -5.43
C GLY C 49 14.97 -13.83 -5.59
N HIS C 50 14.01 -14.62 -6.07
CA HIS C 50 13.91 -16.10 -5.79
C HIS C 50 12.68 -16.71 -6.45
N LEU C 51 12.78 -17.92 -6.96
CA LEU C 51 11.57 -18.72 -7.24
C LEU C 51 10.61 -18.64 -5.99
N ALA C 52 9.34 -18.50 -6.27
CA ALA C 52 8.30 -18.57 -5.24
C ALA C 52 8.41 -19.70 -4.22
N SER C 53 8.24 -19.37 -2.94
CA SER C 53 7.85 -20.36 -1.89
C SER C 53 6.38 -20.21 -1.52
N ILE C 54 5.81 -21.23 -0.88
CA ILE C 54 4.38 -21.31 -0.60
C ILE C 54 4.14 -21.83 0.81
N HIS C 55 3.44 -21.07 1.65
CA HIS C 55 3.36 -21.41 3.07
C HIS C 55 1.93 -21.66 3.63
N SER C 56 0.94 -21.85 2.74
CA SER C 56 -0.44 -22.02 3.15
C SER C 56 -1.25 -22.46 1.97
N ALA C 57 -2.37 -23.11 2.24
CA ALA C 57 -3.34 -23.51 1.21
C ALA C 57 -3.88 -22.33 0.37
N GLU C 58 -3.92 -21.16 0.99
CA GLU C 58 -4.37 -19.95 0.35
C GLU C 58 -3.30 -19.42 -0.65
N SER C 59 -2.02 -19.37 -0.27
CA SER C 59 -0.92 -19.02 -1.22
C SER C 59 -0.98 -19.97 -2.42
N GLN C 60 -1.28 -21.23 -2.13
CA GLN C 60 -1.24 -22.28 -3.13
C GLN C 60 -2.38 -22.10 -4.14
N ALA C 61 -3.59 -21.83 -3.65
CA ALA C 61 -4.71 -21.63 -4.53
C ALA C 61 -4.51 -20.33 -5.40
N PHE C 62 -3.89 -19.33 -4.80
CA PHE C 62 -3.63 -18.11 -5.52
C PHE C 62 -2.65 -18.38 -6.65
N LEU C 63 -1.58 -19.10 -6.36
CA LEU C 63 -0.60 -19.37 -7.43
C LEU C 63 -1.14 -20.27 -8.54
N THR C 64 -1.91 -21.26 -8.14
CA THR C 64 -2.62 -22.08 -9.09
C THR C 64 -3.52 -21.24 -10.02
N GLU C 65 -4.32 -20.33 -9.46
CA GLU C 65 -5.22 -19.52 -10.27
C GLU C 65 -4.45 -18.61 -11.26
N LEU C 66 -3.27 -18.18 -10.84
CA LEU C 66 -2.43 -17.27 -11.57
C LEU C 66 -1.89 -18.01 -12.76
N VAL C 67 -1.50 -19.26 -12.56
CA VAL C 67 -1.06 -20.10 -13.67
C VAL C 67 -2.24 -20.38 -14.61
N LYS C 68 -3.33 -20.93 -14.07
CA LYS C 68 -4.47 -21.25 -14.94
C LYS C 68 -4.98 -20.03 -15.74
N THR C 69 -5.17 -18.87 -15.11
CA THR C 69 -5.67 -17.69 -15.85
C THR C 69 -4.69 -17.13 -16.88
N SER C 70 -3.40 -17.37 -16.73
CA SER C 70 -2.36 -16.82 -17.63
C SER C 70 -2.05 -17.73 -18.83
N LEU C 71 -2.31 -19.02 -18.69
CA LEU C 71 -1.93 -20.03 -19.70
C LEU C 71 -3.12 -20.93 -20.01
N PRO C 72 -4.27 -20.33 -20.35
CA PRO C 72 -5.53 -21.08 -20.36
C PRO C 72 -5.57 -22.17 -21.46
N ASP C 73 -4.87 -21.90 -22.57
CA ASP C 73 -4.84 -22.82 -23.70
C ASP C 73 -3.81 -23.94 -23.55
N LEU C 74 -2.99 -23.88 -22.51
CA LEU C 74 -1.98 -24.93 -22.29
C LEU C 74 -2.44 -26.01 -21.30
N ILE C 75 -3.46 -25.74 -20.52
CA ILE C 75 -3.97 -26.70 -19.53
C ILE C 75 -4.35 -28.02 -20.20
N THR C 76 -3.67 -29.10 -19.85
CA THR C 76 -4.03 -30.42 -20.37
C THR C 76 -4.79 -31.22 -19.30
N GLY C 77 -5.13 -32.47 -19.64
CA GLY C 77 -5.82 -33.39 -18.73
C GLY C 77 -4.82 -34.23 -17.94
N GLY C 78 -3.54 -33.89 -18.11
CA GLY C 78 -2.44 -34.59 -17.43
C GLY C 78 -1.87 -33.75 -16.33
N TRP C 79 -0.54 -33.62 -16.31
CA TRP C 79 0.15 -32.73 -15.37
C TRP C 79 0.42 -31.34 -15.96
N ALA C 80 0.61 -31.30 -17.28
CA ALA C 80 1.05 -30.04 -17.94
C ALA C 80 -0.03 -28.94 -17.85
N PRO C 81 0.38 -27.68 -17.73
CA PRO C 81 1.74 -27.18 -17.78
C PRO C 81 2.32 -27.25 -16.40
N GLN C 82 3.61 -27.57 -16.35
CA GLN C 82 4.39 -27.55 -15.14
C GLN C 82 5.19 -26.26 -15.13
N VAL C 83 5.24 -25.63 -13.95
CA VAL C 83 5.90 -24.34 -13.77
C VAL C 83 6.75 -24.40 -12.49
N TYR C 84 8.01 -23.95 -12.59
CA TYR C 84 8.96 -23.98 -11.46
C TYR C 84 8.60 -23.10 -10.27
N ILE C 85 8.80 -23.67 -9.07
CA ILE C 85 8.77 -22.91 -7.82
C ILE C 85 10.09 -23.20 -7.14
N GLY C 86 10.40 -22.55 -6.03
CA GLY C 86 11.68 -22.76 -5.37
C GLY C 86 11.94 -24.01 -4.50
N MET C 87 11.25 -25.13 -4.73
CA MET C 87 11.36 -26.31 -3.86
C MET C 87 12.53 -27.19 -4.30
N LYS C 88 13.36 -27.64 -3.34
CA LYS C 88 14.47 -28.57 -3.56
C LYS C 88 14.33 -29.80 -2.67
N VAL C 89 14.29 -30.97 -3.30
CA VAL C 89 14.42 -32.25 -2.61
C VAL C 89 15.86 -32.69 -2.73
N GLY C 90 16.53 -32.90 -1.60
CA GLY C 90 17.93 -33.33 -1.57
C GLY C 90 18.08 -34.85 -1.62
N SER C 91 18.97 -35.34 -0.78
CA SER C 91 19.39 -36.75 -0.77
C SER C 91 18.29 -37.70 -0.37
N THR C 92 17.38 -37.25 0.49
CA THR C 92 16.20 -38.08 0.90
C THR C 92 14.96 -37.22 0.71
N ASN C 93 13.79 -37.86 0.76
CA ASN C 93 12.52 -37.13 0.60
C ASN C 93 12.27 -36.15 1.73
N SER C 94 12.77 -36.45 2.92
CA SER C 94 12.62 -35.53 4.05
C SER C 94 13.51 -34.28 3.98
N ASP C 95 14.54 -34.27 3.13
CA ASP C 95 15.38 -33.07 2.94
C ASP C 95 14.72 -32.11 1.94
N GLN C 96 13.83 -31.27 2.42
CA GLN C 96 13.13 -30.29 1.55
C GLN C 96 13.49 -28.86 1.94
N THR C 97 13.93 -28.07 0.96
CA THR C 97 14.26 -26.66 1.24
C THR C 97 13.67 -25.69 0.18
N TRP C 98 13.55 -24.41 0.56
CA TRP C 98 13.16 -23.36 -0.35
C TRP C 98 14.39 -22.46 -0.72
N THR C 99 14.46 -21.98 -1.94
CA THR C 99 15.67 -21.17 -2.34
C THR C 99 15.87 -19.82 -1.60
N ASP C 100 14.77 -19.11 -1.30
CA ASP C 100 14.70 -18.00 -0.33
C ASP C 100 15.00 -18.34 1.18
N GLY C 101 15.26 -19.62 1.50
CA GLY C 101 15.59 -20.02 2.86
C GLY C 101 14.47 -20.10 3.89
N SER C 102 13.23 -19.94 3.47
CA SER C 102 12.12 -20.00 4.39
C SER C 102 11.77 -21.44 4.81
N SER C 103 10.89 -21.60 5.77
CA SER C 103 10.65 -22.97 6.25
C SER C 103 9.60 -23.73 5.45
N VAL C 104 9.81 -25.04 5.35
CA VAL C 104 8.83 -25.89 4.70
C VAL C 104 7.82 -26.30 5.76
N ASP C 105 6.76 -25.51 5.89
CA ASP C 105 5.68 -25.74 6.88
C ASP C 105 4.32 -26.01 6.21
N TYR C 106 4.31 -26.23 4.90
CA TYR C 106 3.12 -26.61 4.15
C TYR C 106 3.47 -27.68 3.11
N ASP C 107 2.74 -28.80 3.17
CA ASP C 107 2.89 -29.92 2.21
C ASP C 107 1.89 -29.75 1.02
N GLY C 108 2.42 -29.30 -0.12
CA GLY C 108 1.59 -29.08 -1.32
C GLY C 108 1.74 -30.14 -2.40
N TRP C 109 2.45 -31.22 -2.07
CA TRP C 109 2.71 -32.32 -2.98
C TRP C 109 1.47 -33.09 -3.39
N VAL C 110 1.40 -33.45 -4.67
CA VAL C 110 0.46 -34.45 -5.15
C VAL C 110 0.83 -35.79 -4.50
N SER C 111 -0.17 -36.55 -4.04
CA SER C 111 0.16 -37.81 -3.36
C SER C 111 0.96 -38.77 -4.23
N GLY C 112 2.10 -39.21 -3.67
CA GLY C 112 3.06 -40.02 -4.41
C GLY C 112 4.33 -39.22 -4.64
N GLU C 113 4.19 -37.88 -4.67
CA GLU C 113 5.35 -36.99 -4.85
C GLU C 113 5.93 -36.59 -3.49
N PRO C 114 7.24 -36.41 -3.40
CA PRO C 114 8.26 -36.54 -4.46
C PRO C 114 8.73 -37.99 -4.62
N ASN C 115 9.11 -38.36 -5.84
CA ASN C 115 9.44 -39.75 -6.19
C ASN C 115 10.58 -39.87 -7.23
N ASN C 116 11.23 -38.74 -7.52
CA ASN C 116 12.29 -38.71 -8.52
C ASN C 116 13.58 -38.25 -7.88
N GLY C 117 13.68 -38.45 -6.57
CA GLY C 117 14.91 -38.11 -5.84
C GLY C 117 16.06 -39.04 -6.17
N PRO C 118 17.26 -38.72 -5.69
CA PRO C 118 17.63 -37.47 -5.01
C PRO C 118 17.84 -36.28 -5.96
N ASN C 119 17.94 -35.08 -5.36
CA ASN C 119 18.18 -33.84 -6.08
C ASN C 119 17.24 -33.55 -7.25
N SER C 120 15.94 -33.52 -6.92
CA SER C 120 14.88 -33.21 -7.87
C SER C 120 14.38 -31.82 -7.53
N ARG C 121 13.38 -31.35 -8.25
CA ARG C 121 12.94 -29.98 -8.07
C ARG C 121 11.42 -29.89 -8.09
N GLY C 122 10.86 -28.94 -7.34
CA GLY C 122 9.41 -28.74 -7.28
C GLY C 122 8.85 -27.90 -8.42
N ALA C 123 7.61 -28.21 -8.80
CA ALA C 123 6.92 -27.51 -9.85
C ALA C 123 5.44 -27.60 -9.59
N ILE C 124 4.74 -26.51 -9.90
CA ILE C 124 3.28 -26.49 -9.91
C ILE C 124 2.76 -27.25 -11.14
N ALA C 125 1.93 -28.27 -10.89
CA ALA C 125 1.42 -29.06 -12.00
C ALA C 125 -0.05 -28.74 -12.30
N ALA C 126 -0.25 -27.85 -13.27
CA ALA C 126 -1.57 -27.24 -13.44
C ALA C 126 -2.56 -27.98 -14.33
N GLY C 127 -2.14 -29.07 -14.97
CA GLY C 127 -3.09 -29.95 -15.65
C GLY C 127 -4.15 -30.52 -14.71
N ASP C 128 -5.25 -30.95 -15.33
CA ASP C 128 -6.47 -31.41 -14.64
C ASP C 128 -6.23 -32.58 -13.69
N TYR C 129 -5.15 -33.31 -13.89
CA TYR C 129 -4.85 -34.48 -13.07
C TYR C 129 -4.40 -34.10 -11.67
N SER C 130 -3.68 -32.99 -11.57
CA SER C 130 -2.97 -32.59 -10.34
C SER C 130 -3.49 -31.28 -9.77
N ARG C 131 -4.27 -30.56 -10.56
CA ARG C 131 -4.92 -29.35 -10.07
C ARG C 131 -3.95 -28.26 -9.49
N GLY C 132 -2.71 -28.17 -10.01
CA GLY C 132 -1.76 -27.16 -9.53
C GLY C 132 -0.83 -27.60 -8.40
N PHE C 133 -1.21 -28.69 -7.70
CA PHE C 133 -0.40 -29.29 -6.61
C PHE C 133 0.91 -29.80 -7.17
N TRP C 134 1.90 -30.07 -6.31
CA TRP C 134 3.28 -30.15 -6.79
C TRP C 134 3.76 -31.50 -7.28
N ALA C 135 4.50 -31.47 -8.39
CA ALA C 135 5.26 -32.64 -8.89
C ALA C 135 6.73 -32.31 -8.70
N ASP C 136 7.57 -33.35 -8.58
CA ASP C 136 9.01 -33.19 -8.59
C ASP C 136 9.58 -33.71 -9.92
N VAL C 137 10.58 -32.98 -10.40
CA VAL C 137 11.11 -33.16 -11.74
C VAL C 137 12.63 -33.02 -11.74
N TYR C 138 13.19 -33.23 -12.91
CA TYR C 138 14.60 -33.03 -13.17
C TYR C 138 14.97 -31.63 -13.32
N SER C 139 16.05 -31.25 -12.67
CA SER C 139 16.49 -29.88 -12.70
C SER C 139 16.79 -29.41 -14.12
N ASN C 140 16.85 -30.36 -15.05
CA ASN C 140 17.32 -30.03 -16.39
C ASN C 140 16.18 -29.83 -17.40
N ASN C 141 14.96 -30.07 -16.91
CA ASN C 141 13.74 -29.63 -17.61
C ASN C 141 13.65 -28.11 -17.80
N ASN C 142 13.27 -27.71 -19.01
CA ASN C 142 13.08 -26.31 -19.31
C ASN C 142 11.60 -25.90 -19.15
N PHE C 143 11.32 -25.07 -18.15
CA PHE C 143 9.96 -24.71 -17.84
C PHE C 143 9.81 -23.20 -17.68
N LYS C 144 8.56 -22.73 -17.74
CA LYS C 144 8.22 -21.39 -17.22
C LYS C 144 8.36 -21.43 -15.67
N TYR C 145 8.28 -20.28 -15.03
CA TYR C 145 8.59 -20.23 -13.60
C TYR C 145 8.00 -19.01 -12.95
N ILE C 146 7.82 -19.07 -11.62
CA ILE C 146 7.29 -17.92 -10.89
C ILE C 146 8.33 -17.33 -9.96
N CYS C 147 8.62 -16.02 -10.08
CA CYS C 147 9.51 -15.33 -9.13
C CYS C 147 8.76 -14.61 -8.02
N GLN C 148 9.40 -14.49 -6.85
CA GLN C 148 8.88 -13.64 -5.79
C GLN C 148 9.91 -12.57 -5.51
N LEU C 149 9.45 -11.38 -5.15
CA LEU C 149 10.35 -10.32 -4.73
C LEU C 149 10.75 -10.55 -3.29
N PRO C 150 11.87 -9.96 -2.87
CA PRO C 150 12.27 -10.20 -1.49
C PRO C 150 11.12 -9.87 -0.55
N CYS C 151 10.63 -10.89 0.16
CA CYS C 151 9.56 -10.78 1.14
C CYS C 151 10.09 -10.13 2.42
N VAL C 152 9.46 -9.04 2.87
CA VAL C 152 9.99 -8.31 4.04
C VAL C 152 8.91 -7.66 4.93
N HIS C 153 9.19 -7.57 6.24
CA HIS C 153 8.28 -6.79 7.07
C HIS C 153 9.01 -5.90 8.05
N TYR C 154 8.32 -4.88 8.54
CA TYR C 154 8.85 -4.02 9.57
C TYR C 154 8.77 -4.75 10.93
N THR C 155 9.81 -4.54 11.77
CA THR C 155 9.83 -5.02 13.15
C THR C 155 9.68 -3.94 14.21
N LEU C 156 8.79 -4.23 15.15
CA LEU C 156 8.33 -3.26 16.10
C LEU C 156 8.42 -3.84 17.51
N GLU C 157 9.43 -3.38 18.23
CA GLU C 157 9.75 -3.88 19.58
C GLU C 157 11.06 -3.24 20.04
N LEU D 2 4.55 2.84 -5.77
CA LEU D 2 3.79 1.54 -5.63
C LEU D 2 2.28 1.62 -5.34
N THR D 3 1.55 0.83 -6.10
CA THR D 3 0.11 0.79 -6.07
C THR D 3 -0.34 -0.55 -5.51
N SER D 4 -1.36 -0.53 -4.66
CA SER D 4 -1.87 -1.80 -4.13
C SER D 4 -3.10 -2.25 -4.88
N CYS D 5 -3.06 -3.47 -5.37
CA CYS D 5 -4.15 -4.07 -6.13
C CYS D 5 -4.50 -5.41 -5.56
N PRO D 6 -5.70 -5.92 -5.86
CA PRO D 6 -6.09 -7.27 -5.47
C PRO D 6 -5.26 -8.32 -6.21
N PRO D 7 -5.23 -9.57 -5.71
CA PRO D 7 -4.57 -10.68 -6.41
C PRO D 7 -4.95 -10.77 -7.90
N LEU D 8 -3.99 -11.11 -8.75
CA LEU D 8 -4.22 -11.24 -10.20
C LEU D 8 -4.27 -9.93 -10.97
N TRP D 9 -4.36 -8.79 -10.27
CA TRP D 9 -4.41 -7.49 -10.86
C TRP D 9 -3.08 -6.83 -10.68
N THR D 10 -2.77 -5.86 -11.54
CA THR D 10 -1.44 -5.25 -11.49
C THR D 10 -1.54 -3.76 -11.58
N GLY D 11 -0.81 -3.07 -10.72
CA GLY D 11 -0.97 -1.63 -10.54
C GLY D 11 0.00 -0.79 -11.32
N PHE D 12 -0.44 0.41 -11.72
CA PHE D 12 0.47 1.41 -12.25
C PHE D 12 -0.14 2.76 -11.95
N ASN D 13 0.62 3.57 -11.22
CA ASN D 13 0.28 4.95 -11.05
C ASN D 13 -1.04 5.15 -10.28
N GLY D 14 -1.35 4.25 -9.36
CA GLY D 14 -2.58 4.39 -8.58
C GLY D 14 -3.81 3.80 -9.26
N LYS D 15 -3.61 3.06 -10.35
CA LYS D 15 -4.66 2.28 -11.00
C LYS D 15 -4.34 0.80 -11.04
N CYS D 16 -5.38 -0.04 -11.00
CA CYS D 16 -5.26 -1.50 -11.06
C CYS D 16 -5.81 -2.00 -12.38
N PHE D 17 -5.09 -2.86 -13.09
CA PHE D 17 -5.48 -3.36 -14.40
C PHE D 17 -5.42 -4.87 -14.46
N ARG D 18 -6.13 -5.43 -15.43
CA ARG D 18 -6.04 -6.86 -15.72
C ARG D 18 -6.44 -7.14 -17.15
N LEU D 19 -5.66 -8.00 -17.79
CA LEU D 19 -5.95 -8.51 -19.12
C LEU D 19 -6.73 -9.82 -19.06
N PHE D 20 -7.86 -9.88 -19.78
CA PHE D 20 -8.63 -11.11 -19.86
C PHE D 20 -8.48 -11.82 -21.24
N HIS D 21 -8.41 -13.15 -21.17
CA HIS D 21 -8.00 -13.94 -22.34
C HIS D 21 -9.11 -14.40 -23.23
N ASN D 22 -10.35 -14.39 -22.74
CA ASN D 22 -11.52 -14.69 -23.59
C ASN D 22 -11.96 -13.54 -24.52
N HIS D 23 -12.34 -13.88 -25.75
CA HIS D 23 -12.74 -12.89 -26.75
C HIS D 23 -14.21 -12.47 -26.60
N LEU D 24 -14.42 -11.15 -26.52
CA LEU D 24 -15.75 -10.56 -26.42
C LEU D 24 -15.84 -9.36 -27.36
N ASN D 25 -17.04 -9.09 -27.86
CA ASN D 25 -17.24 -7.82 -28.53
C ASN D 25 -17.22 -6.63 -27.56
N PHE D 26 -17.23 -5.41 -28.13
CA PHE D 26 -16.96 -4.25 -27.30
C PHE D 26 -17.95 -4.15 -26.15
N ASP D 27 -19.25 -4.31 -26.39
CA ASP D 27 -20.27 -4.15 -25.34
C ASP D 27 -20.18 -5.22 -24.25
N ASN D 28 -19.92 -6.47 -24.67
CA ASN D 28 -19.80 -7.57 -23.73
C ASN D 28 -18.57 -7.44 -22.87
N ALA D 29 -17.54 -6.83 -23.45
CA ALA D 29 -16.27 -6.61 -22.78
C ALA D 29 -16.41 -5.59 -21.66
N GLU D 30 -16.92 -4.40 -22.00
CA GLU D 30 -17.26 -3.39 -21.02
C GLU D 30 -18.14 -3.97 -19.90
N ASN D 31 -19.14 -4.74 -20.29
CA ASN D 31 -20.04 -5.39 -19.32
C ASN D 31 -19.29 -6.28 -18.31
N ALA D 32 -18.39 -7.10 -18.83
CA ALA D 32 -17.51 -7.94 -18.04
C ALA D 32 -16.72 -7.12 -17.03
N CYS D 33 -16.08 -6.03 -17.46
CA CYS D 33 -15.41 -5.12 -16.53
C CYS D 33 -16.29 -4.46 -15.46
N ARG D 34 -17.57 -4.21 -15.79
CA ARG D 34 -18.55 -3.66 -14.87
C ARG D 34 -19.00 -4.62 -13.73
N GLN D 35 -18.51 -5.86 -13.77
CA GLN D 35 -18.77 -6.84 -12.71
C GLN D 35 -17.82 -6.62 -11.57
N PHE D 36 -16.81 -5.77 -11.77
CA PHE D 36 -15.87 -5.43 -10.70
C PHE D 36 -16.18 -4.05 -10.13
N GLY D 37 -16.32 -3.94 -8.82
CA GLY D 37 -16.75 -2.68 -8.25
C GLY D 37 -15.94 -2.08 -7.14
N LEU D 38 -16.49 -1.00 -6.58
CA LEU D 38 -15.98 -0.38 -5.36
C LEU D 38 -17.15 -0.25 -4.40
N ALA D 39 -16.94 -0.51 -3.11
CA ALA D 39 -18.07 -0.47 -2.15
C ALA D 39 -17.67 0.02 -0.80
N SER D 40 -18.55 0.77 -0.13
CA SER D 40 -18.31 1.16 1.26
C SER D 40 -18.28 -0.09 2.14
N CYS D 41 -17.59 -0.03 3.26
CA CYS D 41 -17.51 -1.20 4.15
C CYS D 41 -18.86 -1.56 4.77
N SER D 42 -19.76 -0.58 4.75
CA SER D 42 -21.11 -0.76 5.25
C SER D 42 -22.12 -1.22 4.20
N GLY D 43 -21.68 -1.51 2.96
CA GLY D 43 -22.55 -2.14 1.96
C GLY D 43 -22.96 -1.42 0.68
N ASP D 44 -22.96 -0.09 0.66
CA ASP D 44 -23.35 0.65 -0.57
C ASP D 44 -22.34 0.56 -1.72
N GLU D 45 -22.81 0.16 -2.90
CA GLU D 45 -21.96 0.13 -4.10
C GLU D 45 -21.63 1.58 -4.56
N LEU D 46 -20.35 1.92 -4.66
CA LEU D 46 -20.02 3.29 -5.01
C LEU D 46 -19.64 3.54 -6.47
N ALA D 47 -19.01 2.57 -7.12
CA ALA D 47 -18.59 2.74 -8.50
C ALA D 47 -18.46 1.39 -9.18
N THR D 48 -18.25 1.41 -10.48
CA THR D 48 -18.06 0.21 -11.26
C THR D 48 -16.78 0.29 -12.08
N GLY D 49 -16.21 -0.88 -12.37
CA GLY D 49 -15.14 -1.04 -13.35
C GLY D 49 -15.58 -0.74 -14.78
N HIS D 50 -14.66 -1.02 -15.70
CA HIS D 50 -14.58 -0.36 -17.03
C HIS D 50 -13.39 -0.83 -17.88
N LEU D 51 -13.56 -1.05 -19.17
CA LEU D 51 -12.39 -1.01 -20.08
C LEU D 51 -11.36 0.13 -19.73
N ALA D 52 -10.09 -0.22 -19.72
CA ALA D 52 -9.01 0.73 -19.43
C ALA D 52 -9.08 2.02 -20.25
N SER D 53 -8.80 3.14 -19.59
CA SER D 53 -8.48 4.45 -20.20
C SER D 53 -7.03 4.76 -19.92
N ILE D 54 -6.43 5.58 -20.78
CA ILE D 54 -5.00 5.87 -20.82
C ILE D 54 -4.75 7.38 -20.94
N HIS D 55 -3.96 7.95 -20.04
CA HIS D 55 -3.85 9.41 -19.94
C HIS D 55 -2.43 9.97 -20.03
N SER D 56 -1.47 9.15 -20.46
CA SER D 56 -0.07 9.55 -20.59
C SER D 56 0.71 8.50 -21.33
N ALA D 57 1.82 8.91 -21.94
CA ALA D 57 2.72 8.03 -22.67
C ALA D 57 3.26 6.93 -21.77
N GLU D 58 3.34 7.21 -20.47
CA GLU D 58 3.80 6.21 -19.50
C GLU D 58 2.73 5.13 -19.21
N SER D 59 1.46 5.50 -19.08
CA SER D 59 0.34 4.53 -18.99
C SER D 59 0.35 3.62 -20.21
N GLN D 60 0.67 4.22 -21.36
CA GLN D 60 0.54 3.58 -22.65
C GLN D 60 1.66 2.59 -22.82
N ALA D 61 2.87 2.99 -22.44
CA ALA D 61 3.98 2.04 -22.49
C ALA D 61 3.77 0.85 -21.51
N PHE D 62 3.16 1.14 -20.35
CA PHE D 62 2.94 0.10 -19.38
C PHE D 62 1.94 -0.90 -19.91
N LEU D 63 0.84 -0.42 -20.48
CA LEU D 63 -0.16 -1.35 -21.01
C LEU D 63 0.36 -2.13 -22.21
N THR D 64 1.17 -1.48 -23.04
CA THR D 64 1.79 -2.17 -24.15
C THR D 64 2.66 -3.32 -23.66
N GLU D 65 3.46 -3.05 -22.63
CA GLU D 65 4.36 -4.08 -22.09
C GLU D 65 3.60 -5.26 -21.47
N LEU D 66 2.43 -4.95 -20.91
CA LEU D 66 1.58 -5.93 -20.27
C LEU D 66 0.98 -6.88 -21.31
N VAL D 67 0.58 -6.30 -22.43
CA VAL D 67 0.10 -7.12 -23.55
C VAL D 67 1.24 -7.95 -24.15
N LYS D 68 2.40 -7.34 -24.38
CA LYS D 68 3.50 -8.08 -25.00
C LYS D 68 4.03 -9.19 -24.11
N THR D 69 4.20 -8.91 -22.83
CA THR D 69 4.67 -9.97 -21.92
C THR D 69 3.68 -11.12 -21.70
N SER D 70 2.39 -10.85 -21.83
CA SER D 70 1.33 -11.86 -21.53
C SER D 70 0.97 -12.74 -22.73
N LEU D 71 1.24 -12.24 -23.92
CA LEU D 71 0.79 -12.85 -25.15
C LEU D 71 1.95 -12.94 -26.14
N PRO D 72 3.11 -13.49 -25.69
CA PRO D 72 4.36 -13.36 -26.46
C PRO D 72 4.36 -14.13 -27.79
N ASP D 73 3.65 -15.25 -27.82
CA ASP D 73 3.55 -16.06 -29.05
C ASP D 73 2.53 -15.54 -30.08
N LEU D 74 1.72 -14.54 -29.72
CA LEU D 74 0.67 -14.03 -30.62
C LEU D 74 1.12 -12.79 -31.41
N ILE D 75 2.18 -12.15 -30.92
CA ILE D 75 2.75 -10.97 -31.59
C ILE D 75 3.08 -11.23 -33.07
N THR D 76 2.36 -10.58 -33.96
CA THR D 76 2.69 -10.71 -35.37
C THR D 76 3.53 -9.52 -35.85
N GLY D 77 3.77 -9.47 -37.16
CA GLY D 77 4.47 -8.36 -37.81
C GLY D 77 3.47 -7.34 -38.33
N GLY D 78 2.18 -7.54 -38.01
CA GLY D 78 1.11 -6.63 -38.43
C GLY D 78 0.56 -5.79 -37.30
N TRP D 79 -0.75 -5.77 -37.14
CA TRP D 79 -1.41 -5.12 -36.02
C TRP D 79 -1.66 -6.09 -34.85
N ALA D 80 -1.97 -7.34 -35.20
CA ALA D 80 -2.36 -8.39 -34.24
C ALA D 80 -1.25 -8.68 -33.23
N PRO D 81 -1.59 -8.93 -31.94
CA PRO D 81 -2.96 -9.02 -31.39
C PRO D 81 -3.50 -7.64 -31.03
N GLN D 82 -4.77 -7.41 -31.37
CA GLN D 82 -5.53 -6.23 -30.96
C GLN D 82 -6.31 -6.60 -29.70
N VAL D 83 -6.42 -5.64 -28.77
CA VAL D 83 -6.95 -5.84 -27.43
C VAL D 83 -7.76 -4.59 -27.07
N TYR D 84 -9.03 -4.75 -26.69
CA TYR D 84 -9.93 -3.62 -26.41
C TYR D 84 -9.51 -2.76 -25.24
N ILE D 85 -9.74 -1.46 -25.37
CA ILE D 85 -9.62 -0.48 -24.28
C ILE D 85 -10.94 0.29 -24.35
N GLY D 86 -11.23 1.15 -23.39
CA GLY D 86 -12.52 1.83 -23.41
C GLY D 86 -12.72 3.01 -24.36
N MET D 87 -12.01 3.08 -25.48
CA MET D 87 -12.15 4.23 -26.42
C MET D 87 -13.32 4.12 -27.40
N LYS D 88 -14.18 5.14 -27.43
CA LYS D 88 -15.30 5.26 -28.36
C LYS D 88 -15.11 6.45 -29.31
N VAL D 89 -15.18 6.18 -30.60
CA VAL D 89 -15.26 7.24 -31.60
C VAL D 89 -16.70 7.33 -32.07
N GLY D 90 -17.29 8.52 -31.94
CA GLY D 90 -18.72 8.74 -32.26
C GLY D 90 -18.95 9.08 -33.70
N SER D 91 -19.84 10.07 -33.92
CA SER D 91 -20.31 10.46 -35.26
C SER D 91 -19.27 11.15 -36.12
N THR D 92 -18.28 11.74 -35.47
CA THR D 92 -17.11 12.34 -36.14
C THR D 92 -15.85 11.86 -35.43
N ASN D 93 -14.68 12.00 -36.07
CA ASN D 93 -13.43 11.61 -35.43
C ASN D 93 -13.11 12.42 -34.18
N SER D 94 -13.54 13.68 -34.14
CA SER D 94 -13.35 14.49 -32.93
C SER D 94 -14.22 14.09 -31.70
N ASP D 95 -15.32 13.34 -31.90
CA ASP D 95 -16.13 12.83 -30.78
C ASP D 95 -15.45 11.58 -30.20
N GLN D 96 -14.52 11.79 -29.27
CA GLN D 96 -13.84 10.67 -28.61
C GLN D 96 -14.18 10.65 -27.11
N THR D 97 -14.64 9.50 -26.61
CA THR D 97 -14.96 9.37 -25.18
C THR D 97 -14.40 8.09 -24.59
N TRP D 98 -14.27 8.04 -23.26
CA TRP D 98 -13.83 6.84 -22.55
C TRP D 98 -15.04 6.30 -21.76
N THR D 99 -15.13 4.99 -21.57
CA THR D 99 -16.32 4.44 -20.88
C THR D 99 -16.45 4.76 -19.36
N ASP D 100 -15.34 4.76 -18.61
CA ASP D 100 -15.21 5.43 -17.31
C ASP D 100 -15.46 6.98 -17.22
N GLY D 101 -15.61 7.65 -18.37
CA GLY D 101 -15.98 9.07 -18.41
C GLY D 101 -14.85 10.05 -18.13
N SER D 102 -13.63 9.57 -18.09
CA SER D 102 -12.49 10.46 -17.92
C SER D 102 -12.21 11.25 -19.22
N SER D 103 -11.27 12.17 -19.16
CA SER D 103 -11.05 13.01 -20.31
C SER D 103 -10.05 12.45 -21.31
N VAL D 104 -10.30 12.69 -22.58
CA VAL D 104 -9.36 12.35 -23.62
C VAL D 104 -8.35 13.48 -23.75
N ASP D 105 -7.26 13.36 -23.01
CA ASP D 105 -6.15 14.33 -22.95
C ASP D 105 -4.83 13.72 -23.42
N TYR D 106 -4.87 12.49 -23.92
CA TYR D 106 -3.70 11.86 -24.55
C TYR D 106 -4.10 11.20 -25.87
N ASP D 107 -3.42 11.56 -26.97
CA ASP D 107 -3.60 10.96 -28.30
C ASP D 107 -2.63 9.78 -28.49
N GLY D 108 -3.16 8.55 -28.46
CA GLY D 108 -2.34 7.36 -28.63
C GLY D 108 -2.58 6.61 -29.92
N TRP D 109 -3.27 7.25 -30.85
CA TRP D 109 -3.60 6.64 -32.13
C TRP D 109 -2.36 6.41 -32.98
N VAL D 110 -2.32 5.29 -33.70
CA VAL D 110 -1.43 5.14 -34.84
C VAL D 110 -1.84 6.15 -35.92
N SER D 111 -0.85 6.78 -36.58
CA SER D 111 -1.20 7.83 -37.58
C SER D 111 -2.00 7.26 -38.73
N GLY D 112 -3.09 7.94 -39.03
CA GLY D 112 -4.11 7.44 -39.94
C GLY D 112 -5.39 7.09 -39.20
N GLU D 113 -5.27 6.73 -37.90
CA GLU D 113 -6.41 6.30 -37.08
C GLU D 113 -6.93 7.47 -36.29
N PRO D 114 -8.26 7.50 -36.01
CA PRO D 114 -9.32 6.57 -36.41
C PRO D 114 -9.79 6.79 -37.84
N ASN D 115 -10.18 5.73 -38.54
CA ASN D 115 -10.57 5.80 -39.96
C ASN D 115 -11.76 4.89 -40.35
N ASN D 116 -12.39 4.30 -39.34
CA ASN D 116 -13.46 3.36 -39.57
C ASN D 116 -14.71 3.81 -38.88
N GLY D 117 -14.82 5.12 -38.66
CA GLY D 117 -16.01 5.68 -38.06
C GLY D 117 -17.17 5.73 -39.05
N PRO D 118 -18.36 6.12 -38.56
CA PRO D 118 -18.66 6.44 -37.18
C PRO D 118 -18.92 5.22 -36.26
N ASN D 119 -18.87 5.45 -34.96
CA ASN D 119 -19.18 4.41 -33.96
C ASN D 119 -18.23 3.19 -33.99
N SER D 120 -16.95 3.48 -34.04
CA SER D 120 -15.94 2.46 -34.04
C SER D 120 -15.39 2.38 -32.61
N ARG D 121 -14.43 1.51 -32.34
CA ARG D 121 -13.93 1.36 -31.00
C ARG D 121 -12.41 1.24 -30.97
N GLY D 122 -11.81 1.70 -29.88
CA GLY D 122 -10.36 1.64 -29.75
C GLY D 122 -9.82 0.31 -29.28
N ALA D 123 -8.64 -0.05 -29.77
CA ALA D 123 -7.91 -1.23 -29.32
C ALA D 123 -6.43 -0.96 -29.41
N ILE D 124 -5.68 -1.53 -28.48
CA ILE D 124 -4.24 -1.58 -28.51
C ILE D 124 -3.79 -2.58 -29.56
N ALA D 125 -2.96 -2.14 -30.50
CA ALA D 125 -2.52 -3.00 -31.59
C ALA D 125 -1.06 -3.39 -31.41
N ALA D 126 -0.84 -4.55 -30.79
CA ALA D 126 0.48 -4.87 -30.29
C ALA D 126 1.45 -5.51 -31.30
N GLY D 127 0.99 -5.78 -32.51
CA GLY D 127 1.89 -6.27 -33.55
C GLY D 127 3.00 -5.27 -33.87
N ASP D 128 4.03 -5.77 -34.55
CA ASP D 128 5.25 -5.00 -34.80
C ASP D 128 5.02 -3.75 -35.64
N TYR D 129 3.95 -3.72 -36.41
CA TYR D 129 3.62 -2.58 -37.25
C TYR D 129 3.17 -1.34 -36.48
N SER D 130 2.48 -1.55 -35.36
CA SER D 130 1.85 -0.48 -34.61
C SER D 130 2.42 -0.30 -33.21
N ARG D 131 3.16 -1.29 -32.74
CA ARG D 131 3.85 -1.20 -31.47
C ARG D 131 2.95 -0.93 -30.23
N GLY D 132 1.71 -1.36 -30.25
CA GLY D 132 0.87 -1.11 -29.09
C GLY D 132 -0.06 0.06 -29.20
N PHE D 133 0.29 1.04 -30.05
CA PHE D 133 -0.54 2.24 -30.30
C PHE D 133 -1.88 1.87 -30.94
N TRP D 134 -2.86 2.78 -30.87
CA TRP D 134 -4.25 2.40 -31.13
C TRP D 134 -4.74 2.33 -32.59
N ALA D 135 -5.52 1.28 -32.85
CA ALA D 135 -6.35 1.10 -34.05
C ALA D 135 -7.80 1.27 -33.64
N ASP D 136 -8.65 1.60 -34.63
CA ASP D 136 -10.09 1.64 -34.39
C ASP D 136 -10.73 0.54 -35.21
N VAL D 137 -11.73 -0.11 -34.63
CA VAL D 137 -12.25 -1.32 -35.20
C VAL D 137 -13.75 -1.32 -35.06
N TYR D 138 -14.37 -2.33 -35.64
CA TYR D 138 -15.76 -2.66 -35.36
C TYR D 138 -16.08 -3.15 -34.03
N SER D 139 -17.19 -2.65 -33.47
CA SER D 139 -17.63 -3.03 -32.13
C SER D 139 -17.96 -4.50 -32.01
N ASN D 140 -18.09 -5.13 -33.17
CA ASN D 140 -18.60 -6.49 -33.27
C ASN D 140 -17.45 -7.53 -33.39
N ASN D 141 -16.22 -7.04 -33.47
CA ASN D 141 -15.04 -7.90 -33.35
C ASN D 141 -14.90 -8.51 -31.99
N ASN D 142 -14.55 -9.78 -31.94
CA ASN D 142 -14.30 -10.44 -30.67
C ASN D 142 -12.80 -10.42 -30.30
N PHE D 143 -12.46 -9.67 -29.26
CA PHE D 143 -11.07 -9.54 -28.81
C PHE D 143 -10.90 -9.82 -27.30
N LYS D 144 -9.67 -10.04 -26.91
CA LYS D 144 -9.24 -9.93 -25.53
C LYS D 144 -9.30 -8.44 -25.15
N TYR D 145 -9.24 -8.13 -23.85
CA TYR D 145 -9.53 -6.77 -23.38
C TYR D 145 -8.82 -6.50 -22.07
N ILE D 146 -8.74 -5.24 -21.66
CA ILE D 146 -8.13 -4.90 -20.38
C ILE D 146 -9.12 -4.17 -19.49
N CYS D 147 -9.35 -4.66 -18.26
CA CYS D 147 -10.22 -3.91 -17.36
C CYS D 147 -9.46 -3.06 -16.38
N GLN D 148 -10.04 -1.93 -15.99
CA GLN D 148 -9.52 -1.16 -14.86
C GLN D 148 -10.52 -1.16 -13.70
N LEU D 149 -10.04 -1.20 -12.47
CA LEU D 149 -10.92 -1.09 -11.31
C LEU D 149 -11.25 0.38 -11.11
N PRO D 150 -12.35 0.67 -10.42
CA PRO D 150 -12.68 2.08 -10.21
C PRO D 150 -11.48 2.88 -9.68
N CYS D 151 -11.01 3.83 -10.47
CA CYS D 151 -9.94 4.76 -10.09
C CYS D 151 -10.40 5.81 -9.09
N VAL D 152 -9.73 5.93 -7.95
CA VAL D 152 -10.19 6.80 -6.87
C VAL D 152 -9.07 7.36 -6.03
N HIS D 153 -9.26 8.57 -5.49
CA HIS D 153 -8.28 9.11 -4.57
C HIS D 153 -8.99 9.84 -3.43
N TYR D 154 -8.26 10.07 -2.34
CA TYR D 154 -8.77 10.81 -1.20
C TYR D 154 -8.63 12.29 -1.46
N THR D 155 -9.61 13.05 -0.99
CA THR D 155 -9.60 14.51 -1.08
C THR D 155 -9.32 15.09 0.30
N LEU D 156 -8.26 15.91 0.37
CA LEU D 156 -7.79 16.42 1.64
C LEU D 156 -8.36 17.78 1.99
N GLU D 157 -9.33 18.24 1.20
CA GLU D 157 -10.14 19.47 1.43
C GLU D 157 -10.80 19.54 2.83
C1 GLC E . 18.55 33.24 23.29
C2 GLC E . 17.63 34.32 22.77
C3 GLC E . 17.20 34.03 21.33
C4 GLC E . 18.38 33.58 20.46
C5 GLC E . 18.76 32.23 21.03
C6 GLC E . 20.19 31.63 20.78
O1 GLC E . 18.34 32.84 24.66
O2 GLC E . 16.48 34.45 23.60
O3 GLC E . 16.65 35.21 20.77
O4 GLC E . 17.98 33.40 19.10
O5 GLC E . 18.34 32.14 22.43
O6 GLC E . 20.03 30.24 21.23
C1 GLA E . 20.94 29.09 21.22
C2 GLA E . 21.97 29.06 20.13
C3 GLA E . 21.28 28.75 18.80
C4 GLA E . 20.33 27.55 18.94
C5 GLA E . 19.35 27.75 20.09
C6 GLA E . 18.34 26.63 20.34
O2 GLA E . 22.61 30.32 20.20
O3 GLA E . 22.33 28.43 17.88
O4 GLA E . 21.11 26.38 19.22
O5 GLA E . 20.13 27.91 21.24
O6 GLA E . 18.96 25.35 20.55
C1 GLC F . -16.89 13.73 38.49
C2 GLC F . -16.06 13.14 39.65
C3 GLC F . -15.65 11.71 39.30
C4 GLC F . -16.80 10.96 38.66
C5 GLC F . -17.06 11.58 37.28
C6 GLC F . -18.49 11.41 36.71
O1 GLC F . -16.69 15.13 38.24
O2 GLC F . -14.89 13.90 39.92
O3 GLC F . -15.22 11.06 40.50
O4 GLC F . -16.45 9.59 38.55
O5 GLC F . -16.71 12.99 37.26
O6 GLC F . -18.33 12.05 35.45
C1 GLA F . -19.35 12.11 34.47
C2 GLA F . -20.40 10.96 34.41
C3 GLA F . -19.86 9.62 33.91
C4 GLA F . -18.92 9.83 32.70
C5 GLA F . -17.91 10.95 32.97
C6 GLA F . -16.88 11.15 31.89
O2 GLA F . -21.14 10.78 35.62
O3 GLA F . -20.97 8.80 33.51
O4 GLA F . -19.70 10.17 31.58
O5 GLA F . -18.58 12.20 33.25
O6 GLA F . -17.51 11.43 30.64
C1 GLC G . 2.77 -40.69 -17.34
C2 GLC G . 1.30 -41.16 -17.35
C3 GLC G . 0.55 -40.47 -16.20
C4 GLC G . 1.41 -40.52 -14.92
C5 GLC G . 2.59 -39.58 -15.15
C6 GLC G . 3.89 -39.89 -14.39
O1 GLC G . 3.27 -40.46 -18.66
O2 GLC G . 0.65 -40.83 -18.58
O3 GLC G . -0.72 -41.10 -16.00
O4 GLC G . 0.65 -40.11 -13.77
O5 GLC G . 2.87 -39.46 -16.57
O6 GLC G . 4.77 -38.83 -14.83
C1 GLA G . 6.01 -38.46 -14.20
C2 GLA G . 6.24 -38.88 -12.75
C3 GLA G . 5.47 -38.07 -11.68
C4 GLA G . 5.54 -36.58 -12.02
C5 GLA G . 5.12 -36.36 -13.46
C6 GLA G . 5.00 -34.89 -13.84
O2 GLA G . 5.97 -40.27 -12.56
O3 GLA G . 6.06 -38.33 -10.40
O4 GLA G . 6.90 -36.14 -11.88
O5 GLA G . 6.08 -37.03 -14.27
O6 GLA G . 6.26 -34.24 -13.71
C1 GLC H . -3.98 -4.72 -44.28
C2 GLC H . -2.50 -4.80 -44.69
C3 GLC H . -1.67 -3.94 -43.74
C4 GLC H . -2.42 -2.65 -43.37
C5 GLC H . -3.67 -3.05 -42.57
C6 GLC H . -4.90 -2.12 -42.63
O1 GLC H . -4.67 -5.96 -44.49
O2 GLC H . -2.03 -6.15 -44.67
O3 GLC H . -0.41 -3.66 -44.34
O4 GLC H . -1.58 -1.81 -42.58
O5 GLC H . -4.10 -4.37 -42.90
O6 GLC H . -5.76 -2.75 -41.69
C1 GLA H . -7.00 -2.19 -41.26
C2 GLA H . -7.22 -0.66 -41.29
C3 GLA H . -6.50 0.10 -40.18
C4 GLA H . -6.60 -0.66 -38.85
C5 GLA H . -6.22 -2.13 -39.02
C6 GLA H . -6.23 -2.93 -37.71
O2 GLA H . -6.90 -0.15 -42.58
O3 GLA H . -7.03 1.45 -40.09
O4 GLA H . -7.94 -0.56 -38.36
O5 GLA H . -7.15 -2.67 -39.93
O6 GLA H . -7.54 -3.02 -37.10
CA CA I . 22.99 26.10 17.90
CA CA J . -21.92 9.09 31.07
CA CA K . 7.86 -36.93 -9.63
CA CA L . -8.94 1.40 -38.11
#